data_6WK3
#
_entry.id   6WK3
#
_cell.length_a   124.269
_cell.length_b   102.472
_cell.length_c   84.273
_cell.angle_alpha   90.000
_cell.angle_beta   98.529
_cell.angle_gamma   90.000
#
_symmetry.space_group_name_H-M   'C 1 2 1'
#
loop_
_entity.id
_entity.type
_entity.pdbx_description
1 polymer 'Nitric oxide dioxygenase'
2 non-polymer 'PROTOPORPHYRIN IX CONTAINING FE'
3 non-polymer 'ACETATE ION'
4 non-polymer 'COPPER (II) ION'
5 water water
#
_entity_poly.entity_id   1
_entity_poly.type   'polypeptide(L)'
_entity_poly.pdbx_seq_one_letter_code
;SMAPTLSEQTRQLVRASVPALQKHSVAISATMYRLLFERYPETRSLFELPERVIHKLASALLAYARSIDNPSALQAAIRR
MVLSHARAGVQAVHYPLVWECLRDAIKEVLGPDATETLLQAWKEAYDFLAHLLSTKEAQVYAVLAE
;
_entity_poly.pdbx_strand_id   A,B,C,D
#
loop_
_chem_comp.id
_chem_comp.type
_chem_comp.name
_chem_comp.formula
ACT non-polymer 'ACETATE ION' 'C2 H3 O2 -1'
CU non-polymer 'COPPER (II) ION' 'Cu 2'
HEM non-polymer 'PROTOPORPHYRIN IX CONTAINING FE' 'C34 H32 Fe N4 O4'
#
# COMPACT_ATOMS: atom_id res chain seq x y z
N MET A 2 -3.22 28.92 -32.68
CA MET A 2 -3.69 27.76 -33.43
C MET A 2 -3.54 28.00 -34.93
N ALA A 3 -2.59 28.85 -35.29
CA ALA A 3 -2.56 29.38 -36.66
C ALA A 3 -2.08 28.39 -37.72
N PRO A 4 -0.99 27.62 -37.53
CA PRO A 4 -0.35 26.96 -38.68
C PRO A 4 -1.26 25.97 -39.39
N THR A 5 -0.88 25.65 -40.63
CA THR A 5 -1.72 24.92 -41.57
C THR A 5 -0.95 23.78 -42.20
N LEU A 6 -1.67 22.96 -42.98
CA LEU A 6 -1.12 21.78 -43.66
C LEU A 6 -1.39 21.93 -45.15
N SER A 7 -0.35 22.31 -45.90
CA SER A 7 -0.48 22.51 -47.34
C SER A 7 -0.78 21.20 -48.06
N GLU A 8 -1.13 21.32 -49.34
CA GLU A 8 -1.44 20.16 -50.15
C GLU A 8 -0.19 19.32 -50.41
N GLN A 9 0.96 19.98 -50.60
CA GLN A 9 2.19 19.23 -50.81
C GLN A 9 2.65 18.56 -49.54
N THR A 10 2.59 19.27 -48.40
CA THR A 10 2.94 18.66 -47.13
C THR A 10 2.16 17.37 -46.90
N ARG A 11 0.83 17.43 -47.10
CA ARG A 11 -0.01 16.25 -46.87
C ARG A 11 0.35 15.13 -47.83
N GLN A 12 0.67 15.46 -49.08
CA GLN A 12 0.97 14.43 -50.07
C GLN A 12 2.28 13.73 -49.74
N LEU A 13 3.30 14.49 -49.32
CA LEU A 13 4.59 13.88 -49.00
C LEU A 13 4.54 13.13 -47.67
N VAL A 14 3.82 13.67 -46.69
CA VAL A 14 3.68 12.96 -45.42
C VAL A 14 2.90 11.67 -45.60
N ARG A 15 1.83 11.73 -46.41
CA ARG A 15 1.06 10.52 -46.70
C ARG A 15 1.94 9.46 -47.38
N ALA A 16 2.87 9.91 -48.22
CA ALA A 16 3.68 8.98 -48.99
C ALA A 16 4.75 8.29 -48.14
N SER A 17 5.13 8.88 -47.01
CA SER A 17 6.12 8.25 -46.15
C SER A 17 5.53 7.17 -45.24
N VAL A 18 4.21 6.97 -45.27
CA VAL A 18 3.61 5.95 -44.41
C VAL A 18 4.25 4.58 -44.61
N PRO A 19 4.50 4.10 -45.84
CA PRO A 19 5.21 2.82 -45.98
C PRO A 19 6.56 2.78 -45.27
N ALA A 20 7.34 3.86 -45.32
CA ALA A 20 8.61 3.90 -44.58
C ALA A 20 8.40 3.92 -43.08
N LEU A 21 7.35 4.61 -42.60
CA LEU A 21 7.09 4.66 -41.18
C LEU A 21 6.57 3.32 -40.65
N GLN A 22 5.81 2.58 -41.46
CA GLN A 22 5.38 1.25 -41.05
C GLN A 22 6.57 0.35 -40.75
N LYS A 23 7.69 0.58 -41.42
CA LYS A 23 8.89 -0.23 -41.23
C LYS A 23 9.91 0.40 -40.30
N HIS A 24 9.93 1.73 -40.18
CA HIS A 24 11.06 2.42 -39.53
C HIS A 24 10.65 3.40 -38.44
N SER A 25 9.38 3.48 -38.07
CA SER A 25 8.99 4.51 -37.11
C SER A 25 9.60 4.26 -35.74
N VAL A 26 9.85 2.99 -35.39
CA VAL A 26 10.54 2.70 -34.13
C VAL A 26 12.00 3.13 -34.20
N ALA A 27 12.66 2.87 -35.33
CA ALA A 27 14.03 3.34 -35.50
C ALA A 27 14.09 4.86 -35.46
N ILE A 28 13.13 5.54 -36.07
CA ILE A 28 13.13 7.00 -36.06
C ILE A 28 12.88 7.52 -34.65
N SER A 29 11.92 6.94 -33.94
CA SER A 29 11.59 7.41 -32.60
C SER A 29 12.74 7.14 -31.63
N ALA A 30 13.32 5.94 -31.68
CA ALA A 30 14.43 5.62 -30.78
C ALA A 30 15.66 6.49 -31.05
N THR A 31 16.01 6.63 -32.34
CA THR A 31 17.12 7.50 -32.70
C THR A 31 16.85 8.93 -32.30
N MET A 32 15.61 9.38 -32.43
CA MET A 32 15.26 10.73 -32.01
C MET A 32 15.53 10.93 -30.52
N TYR A 33 15.11 9.97 -29.69
CA TYR A 33 15.28 10.11 -28.25
C TYR A 33 16.76 10.07 -27.85
N ARG A 34 17.57 9.26 -28.53
CA ARG A 34 18.99 9.20 -28.20
C ARG A 34 19.69 10.51 -28.54
N LEU A 35 19.35 11.11 -29.68
CA LEU A 35 19.88 12.42 -30.02
C LEU A 35 19.45 13.47 -29.00
N LEU A 36 18.22 13.36 -28.50
CA LEU A 36 17.75 14.30 -27.48
C LEU A 36 18.46 14.05 -26.15
N PHE A 37 18.68 12.78 -25.80
CA PHE A 37 19.41 12.43 -24.58
C PHE A 37 20.80 13.07 -24.57
N GLU A 38 21.50 13.02 -25.70
CA GLU A 38 22.88 13.47 -25.73
C GLU A 38 23.05 14.94 -26.08
N ARG A 39 22.08 15.57 -26.73
CA ARG A 39 22.24 16.97 -27.08
C ARG A 39 21.67 17.92 -26.05
N TYR A 40 20.65 17.50 -25.31
CA TYR A 40 19.98 18.35 -24.32
C TYR A 40 19.74 17.52 -23.06
N PRO A 41 20.78 17.36 -22.24
CA PRO A 41 20.64 16.51 -21.04
C PRO A 41 19.62 17.00 -20.04
N GLU A 42 19.27 18.29 -20.04
CA GLU A 42 18.25 18.77 -19.13
C GLU A 42 16.93 18.05 -19.32
N THR A 43 16.66 17.55 -20.54
CA THR A 43 15.38 16.93 -20.85
C THR A 43 15.26 15.49 -20.38
N ARG A 44 16.37 14.82 -20.06
CA ARG A 44 16.26 13.42 -19.66
C ARG A 44 15.51 13.26 -18.35
N SER A 45 15.51 14.30 -17.50
CA SER A 45 14.73 14.28 -16.27
C SER A 45 13.24 14.16 -16.52
N LEU A 46 12.78 14.39 -17.75
CA LEU A 46 11.35 14.36 -18.05
C LEU A 46 10.81 12.96 -18.30
N PHE A 47 11.67 12.01 -18.68
CA PHE A 47 11.22 10.70 -19.15
C PHE A 47 11.31 9.67 -18.01
N GLU A 48 10.16 9.33 -17.44
CA GLU A 48 10.11 8.25 -16.46
C GLU A 48 10.39 6.90 -17.10
N LEU A 49 9.70 6.60 -18.20
CA LEU A 49 9.79 5.31 -18.89
C LEU A 49 10.22 5.57 -20.33
N PRO A 50 11.52 5.79 -20.57
CA PRO A 50 11.95 6.20 -21.91
C PRO A 50 11.73 5.14 -22.96
N GLU A 51 11.89 3.86 -22.62
CA GLU A 51 11.62 2.79 -23.58
C GLU A 51 10.16 2.75 -23.98
N ARG A 52 9.26 2.95 -23.02
CA ARG A 52 7.83 2.90 -23.31
C ARG A 52 7.38 4.07 -24.16
N VAL A 53 7.90 5.26 -23.88
CA VAL A 53 7.54 6.46 -24.64
C VAL A 53 8.03 6.34 -26.07
N ILE A 54 9.14 5.66 -26.29
CA ILE A 54 9.68 5.52 -27.65
C ILE A 54 8.70 4.77 -28.54
N HIS A 55 8.07 3.72 -28.03
CA HIS A 55 7.14 2.97 -28.86
C HIS A 55 5.82 3.70 -29.01
N LYS A 56 5.45 4.53 -28.04
CA LYS A 56 4.25 5.35 -28.15
C LYS A 56 4.42 6.42 -29.23
N LEU A 57 5.57 7.10 -29.24
CA LEU A 57 5.82 8.11 -30.26
C LEU A 57 5.87 7.48 -31.65
N ALA A 58 6.49 6.29 -31.76
CA ALA A 58 6.52 5.61 -33.05
C ALA A 58 5.12 5.34 -33.58
N SER A 59 4.20 4.93 -32.71
CA SER A 59 2.82 4.70 -33.14
C SER A 59 2.14 6.01 -33.53
N ALA A 60 2.38 7.06 -32.74
CA ALA A 60 1.77 8.36 -33.01
C ALA A 60 2.23 8.90 -34.36
N LEU A 61 3.53 8.84 -34.65
CA LEU A 61 4.01 9.27 -35.95
C LEU A 61 3.29 8.52 -37.07
N LEU A 62 3.19 7.21 -36.95
CA LEU A 62 2.48 6.41 -37.95
C LEU A 62 1.02 6.84 -38.06
N ALA A 63 0.32 6.92 -36.92
CA ALA A 63 -1.08 7.29 -36.95
C ALA A 63 -1.28 8.69 -37.53
N TYR A 64 -0.41 9.63 -37.13
CA TYR A 64 -0.50 11.00 -37.62
C TYR A 64 -0.30 11.07 -39.12
N ALA A 65 0.65 10.31 -39.65
CA ALA A 65 0.88 10.28 -41.08
C ALA A 65 -0.29 9.62 -41.81
N ARG A 66 -0.90 8.61 -41.20
CA ARG A 66 -2.07 7.96 -41.78
C ARG A 66 -3.31 8.84 -41.77
N SER A 67 -3.30 9.91 -40.98
CA SER A 67 -4.47 10.75 -40.79
C SER A 67 -4.12 12.22 -41.01
N ILE A 68 -3.12 12.48 -41.86
CA ILE A 68 -2.69 13.86 -42.09
C ILE A 68 -3.75 14.67 -42.83
N ASP A 69 -4.68 14.01 -43.54
CA ASP A 69 -5.77 14.74 -44.19
C ASP A 69 -6.88 15.10 -43.22
N ASN A 70 -7.06 14.33 -42.14
CA ASN A 70 -8.06 14.63 -41.12
C ASN A 70 -7.40 14.53 -39.75
N PRO A 71 -6.71 15.59 -39.32
CA PRO A 71 -6.10 15.57 -37.98
C PRO A 71 -7.11 15.48 -36.85
N SER A 72 -8.34 15.95 -37.06
CA SER A 72 -9.33 15.91 -35.97
C SER A 72 -9.73 14.48 -35.60
N ALA A 73 -9.41 13.50 -36.44
CA ALA A 73 -9.66 12.11 -36.09
C ALA A 73 -8.69 11.56 -35.06
N LEU A 74 -7.67 12.33 -34.68
CA LEU A 74 -6.73 11.97 -33.64
C LEU A 74 -6.98 12.70 -32.33
N GLN A 75 -8.22 13.16 -32.11
CA GLN A 75 -8.52 14.00 -30.95
C GLN A 75 -8.20 13.30 -29.64
N ALA A 76 -8.56 12.02 -29.51
CA ALA A 76 -8.31 11.31 -28.26
C ALA A 76 -6.81 11.16 -28.00
N ALA A 77 -6.04 10.87 -29.05
CA ALA A 77 -4.60 10.71 -28.89
C ALA A 77 -3.92 12.04 -28.60
N ILE A 78 -4.38 13.11 -29.24
CA ILE A 78 -3.86 14.44 -28.93
C ILE A 78 -4.12 14.78 -27.47
N ARG A 79 -5.31 14.43 -26.97
CA ARG A 79 -5.62 14.63 -25.56
C ARG A 79 -4.62 13.92 -24.67
N ARG A 80 -4.31 12.66 -24.98
CA ARG A 80 -3.34 11.91 -24.19
C ARG A 80 -1.98 12.59 -24.22
N MET A 81 -1.54 13.04 -25.40
CA MET A 81 -0.25 13.71 -25.49
C MET A 81 -0.21 14.96 -24.63
N VAL A 82 -1.29 15.75 -24.65
CA VAL A 82 -1.32 17.01 -23.91
C VAL A 82 -1.16 16.74 -22.41
N LEU A 83 -1.94 15.78 -21.89
CA LEU A 83 -1.94 15.54 -20.46
C LEU A 83 -0.69 14.83 -20.00
N SER A 84 -0.14 13.93 -20.83
CA SER A 84 1.16 13.35 -20.55
C SER A 84 2.23 14.42 -20.47
N HIS A 85 2.28 15.32 -21.46
CA HIS A 85 3.28 16.38 -21.46
C HIS A 85 3.15 17.26 -20.23
N ALA A 86 1.92 17.68 -19.92
CA ALA A 86 1.71 18.54 -18.75
C ALA A 86 2.09 17.82 -17.47
N ARG A 87 1.82 16.52 -17.41
CA ARG A 87 2.22 15.73 -16.24
C ARG A 87 3.73 15.77 -16.04
N ALA A 88 4.50 15.73 -17.13
CA ALA A 88 5.96 15.69 -17.03
C ALA A 88 6.63 17.06 -17.06
N GLY A 89 5.87 18.13 -17.30
CA GLY A 89 6.47 19.45 -17.31
C GLY A 89 7.09 19.84 -18.63
N VAL A 90 6.61 19.27 -19.74
CA VAL A 90 7.12 19.66 -21.04
C VAL A 90 6.77 21.12 -21.31
N GLN A 91 7.73 21.86 -21.88
CA GLN A 91 7.63 23.30 -22.02
C GLN A 91 7.62 23.69 -23.49
N ALA A 92 7.12 24.90 -23.75
CA ALA A 92 6.99 25.37 -25.13
C ALA A 92 8.34 25.41 -25.83
N VAL A 93 9.41 25.75 -25.10
CA VAL A 93 10.72 25.88 -25.73
C VAL A 93 11.39 24.53 -26.00
N HIS A 94 10.82 23.44 -25.50
CA HIS A 94 11.37 22.12 -25.83
C HIS A 94 11.05 21.71 -27.26
N TYR A 95 9.93 22.19 -27.81
CA TYR A 95 9.48 21.72 -29.12
C TYR A 95 10.48 21.95 -30.23
N PRO A 96 11.19 23.08 -30.32
CA PRO A 96 12.25 23.18 -31.33
C PRO A 96 13.34 22.14 -31.16
N LEU A 97 13.65 21.75 -29.92
CA LEU A 97 14.72 20.77 -29.70
C LEU A 97 14.32 19.39 -30.23
N VAL A 98 13.07 18.98 -29.98
CA VAL A 98 12.64 17.67 -30.43
C VAL A 98 12.50 17.63 -31.95
N TRP A 99 12.14 18.76 -32.57
CA TRP A 99 12.14 18.78 -34.03
C TRP A 99 13.54 18.61 -34.58
N GLU A 100 14.50 19.34 -34.01
CA GLU A 100 15.89 19.22 -34.43
C GLU A 100 16.34 17.76 -34.42
N CYS A 101 16.06 17.06 -33.30
CA CYS A 101 16.45 15.66 -33.19
C CYS A 101 15.62 14.76 -34.09
N LEU A 102 14.35 15.11 -34.33
CA LEU A 102 13.52 14.31 -35.21
C LEU A 102 13.93 14.48 -36.67
N ARG A 103 14.32 15.68 -37.07
CA ARG A 103 14.81 15.90 -38.42
C ARG A 103 16.03 15.03 -38.70
N ASP A 104 17.00 15.05 -37.78
CA ASP A 104 18.22 14.26 -37.99
C ASP A 104 17.96 12.77 -37.82
N ALA A 105 16.96 12.37 -37.03
CA ALA A 105 16.57 10.97 -36.99
C ALA A 105 16.05 10.51 -38.34
N ILE A 106 15.24 11.36 -39.00
CA ILE A 106 14.74 11.02 -40.33
C ILE A 106 15.88 10.99 -41.34
N LYS A 107 16.79 11.97 -41.28
CA LYS A 107 17.94 12.00 -42.18
C LYS A 107 18.77 10.72 -42.05
N GLU A 108 18.92 10.22 -40.83
CA GLU A 108 19.77 9.06 -40.60
C GLU A 108 19.09 7.77 -41.04
N VAL A 109 17.84 7.58 -40.65
CA VAL A 109 17.19 6.29 -40.87
C VAL A 109 16.84 6.10 -42.34
N LEU A 110 16.26 7.13 -42.96
CA LEU A 110 15.83 7.02 -44.35
C LEU A 110 16.97 7.23 -45.35
N GLY A 111 18.14 7.68 -44.89
CA GLY A 111 19.30 7.82 -45.74
C GLY A 111 19.03 8.69 -46.95
N PRO A 112 19.10 8.08 -48.14
CA PRO A 112 18.88 8.86 -49.37
C PRO A 112 17.45 9.36 -49.52
N ASP A 113 16.46 8.62 -49.04
CA ASP A 113 15.07 9.01 -49.20
C ASP A 113 14.65 10.19 -48.32
N ALA A 114 15.56 10.72 -47.49
CA ALA A 114 15.26 11.89 -46.67
C ALA A 114 15.63 13.18 -47.40
N THR A 115 15.01 13.35 -48.57
CA THR A 115 15.22 14.54 -49.39
C THR A 115 14.80 15.79 -48.64
N GLU A 116 15.26 16.94 -49.13
CA GLU A 116 14.97 18.19 -48.42
C GLU A 116 13.49 18.56 -48.53
N THR A 117 12.80 18.13 -49.59
CA THR A 117 11.36 18.36 -49.66
C THR A 117 10.62 17.52 -48.63
N LEU A 118 11.02 16.25 -48.48
CA LEU A 118 10.39 15.39 -47.48
C LEU A 118 10.61 15.94 -46.07
N LEU A 119 11.81 16.46 -45.81
CA LEU A 119 12.08 17.03 -44.50
C LEU A 119 11.27 18.30 -44.27
N GLN A 120 11.05 19.09 -45.32
CA GLN A 120 10.23 20.30 -45.16
C GLN A 120 8.77 19.94 -44.92
N ALA A 121 8.28 18.89 -45.57
CA ALA A 121 6.91 18.44 -45.31
C ALA A 121 6.76 18.01 -43.86
N TRP A 122 7.72 17.24 -43.35
CA TRP A 122 7.63 16.78 -41.96
C TRP A 122 7.82 17.92 -40.98
N LYS A 123 8.63 18.92 -41.33
CA LYS A 123 8.75 20.10 -40.48
C LYS A 123 7.40 20.80 -40.34
N GLU A 124 6.68 20.97 -41.45
CA GLU A 124 5.37 21.60 -41.39
C GLU A 124 4.38 20.73 -40.62
N ALA A 125 4.38 19.42 -40.88
CA ALA A 125 3.51 18.52 -40.12
C ALA A 125 3.86 18.52 -38.65
N TYR A 126 5.16 18.65 -38.33
CA TYR A 126 5.57 18.75 -36.94
C TYR A 126 5.12 20.07 -36.33
N ASP A 127 5.33 21.18 -37.05
CA ASP A 127 4.99 22.49 -36.52
C ASP A 127 3.51 22.62 -36.27
N PHE A 128 2.69 22.01 -37.12
CA PHE A 128 1.25 22.01 -36.87
C PHE A 128 0.95 21.28 -35.57
N LEU A 129 1.44 20.05 -35.44
CA LEU A 129 1.15 19.26 -34.23
C LEU A 129 1.77 19.90 -33.00
N ALA A 130 2.96 20.49 -33.13
CA ALA A 130 3.61 21.15 -32.00
C ALA A 130 2.80 22.35 -31.52
N HIS A 131 2.33 23.18 -32.46
CA HIS A 131 1.59 24.38 -32.07
C HIS A 131 0.28 24.02 -31.38
N LEU A 132 -0.35 22.93 -31.82
CA LEU A 132 -1.57 22.48 -31.18
C LEU A 132 -1.30 21.91 -29.80
N LEU A 133 -0.26 21.08 -29.67
CA LEU A 133 0.06 20.48 -28.37
C LEU A 133 0.51 21.54 -27.37
N SER A 134 1.38 22.47 -27.80
CA SER A 134 1.96 23.42 -26.86
C SER A 134 0.93 24.45 -26.37
N THR A 135 -0.03 24.84 -27.23
CA THR A 135 -1.01 25.82 -26.79
C THR A 135 -2.04 25.21 -25.85
N LYS A 136 -2.50 23.98 -26.13
CA LYS A 136 -3.39 23.31 -25.19
C LYS A 136 -2.70 23.02 -23.87
N GLU A 137 -1.40 22.72 -23.89
CA GLU A 137 -0.66 22.49 -22.65
C GLU A 137 -0.55 23.77 -21.81
N ALA A 138 -0.28 24.90 -22.46
CA ALA A 138 -0.25 26.17 -21.74
C ALA A 138 -1.58 26.46 -21.06
N GLN A 139 -2.68 26.15 -21.74
CA GLN A 139 -4.00 26.32 -21.13
C GLN A 139 -4.16 25.41 -19.92
N VAL A 140 -3.70 24.16 -20.01
CA VAL A 140 -3.84 23.23 -18.89
C VAL A 140 -2.98 23.67 -17.72
N TYR A 141 -1.79 24.20 -18.00
CA TYR A 141 -0.94 24.74 -16.94
C TYR A 141 -1.65 25.88 -16.21
N ALA A 142 -2.27 26.80 -16.97
CA ALA A 142 -2.89 27.97 -16.37
C ALA A 142 -4.06 27.58 -15.46
N VAL A 143 -4.76 26.49 -15.79
CA VAL A 143 -5.90 26.06 -14.99
C VAL A 143 -5.45 25.45 -13.67
N LEU A 144 -4.33 24.72 -13.68
CA LEU A 144 -3.85 24.07 -12.46
C LEU A 144 -2.99 25.00 -11.60
N ALA A 145 -2.59 26.15 -12.13
CA ALA A 145 -1.93 27.16 -11.31
C ALA A 145 -2.90 27.75 -10.29
N GLU A 146 -4.14 27.99 -10.69
CA GLU A 146 -5.16 28.50 -9.78
C GLU A 146 -6.01 27.38 -9.22
N THR B 5 -13.67 21.44 5.26
CA THR B 5 -12.47 21.08 5.99
C THR B 5 -12.75 19.91 6.93
N LEU B 6 -11.69 19.35 7.51
CA LEU B 6 -11.77 18.12 8.29
C LEU B 6 -11.83 18.42 9.78
N SER B 7 -12.65 17.65 10.50
CA SER B 7 -12.82 17.85 11.92
C SER B 7 -11.56 17.44 12.68
N GLU B 8 -11.44 17.97 13.90
CA GLU B 8 -10.29 17.63 14.73
C GLU B 8 -10.23 16.13 15.02
N GLN B 9 -11.38 15.48 15.18
CA GLN B 9 -11.36 14.06 15.50
C GLN B 9 -10.84 13.22 14.33
N THR B 10 -11.28 13.52 13.11
CA THR B 10 -10.79 12.71 12.00
C THR B 10 -9.33 13.00 11.71
N ARG B 11 -8.85 14.22 11.99
CA ARG B 11 -7.44 14.50 11.80
C ARG B 11 -6.57 13.78 12.83
N GLN B 12 -7.05 13.63 14.07
CA GLN B 12 -6.34 12.82 15.04
C GLN B 12 -6.32 11.35 14.63
N LEU B 13 -7.38 10.88 13.97
CA LEU B 13 -7.43 9.48 13.56
C LEU B 13 -6.58 9.24 12.32
N VAL B 14 -6.54 10.20 11.39
CA VAL B 14 -5.64 10.07 10.25
C VAL B 14 -4.19 10.09 10.73
N ARG B 15 -3.86 11.01 11.64
CA ARG B 15 -2.52 11.02 12.22
C ARG B 15 -2.19 9.68 12.86
N ALA B 16 -3.14 9.09 13.59
CA ALA B 16 -2.92 7.80 14.23
C ALA B 16 -2.77 6.67 13.22
N SER B 17 -3.17 6.89 11.98
CA SER B 17 -3.08 5.88 10.93
C SER B 17 -1.70 5.84 10.27
N VAL B 18 -0.85 6.84 10.50
CA VAL B 18 0.45 6.88 9.83
C VAL B 18 1.30 5.65 10.13
N PRO B 19 1.36 5.14 11.37
CA PRO B 19 2.10 3.88 11.59
C PRO B 19 1.56 2.71 10.78
N ALA B 20 0.23 2.58 10.65
CA ALA B 20 -0.33 1.51 9.84
C ALA B 20 0.02 1.70 8.36
N LEU B 21 0.02 2.94 7.89
CA LEU B 21 0.30 3.17 6.48
C LEU B 21 1.78 3.01 6.16
N GLN B 22 2.68 3.33 7.09
CA GLN B 22 4.09 3.15 6.78
C GLN B 22 4.47 1.69 6.64
N LYS B 23 3.69 0.78 7.23
CA LYS B 23 3.92 -0.64 7.11
C LYS B 23 3.00 -1.34 6.14
N HIS B 24 1.77 -0.84 5.91
CA HIS B 24 0.76 -1.59 5.18
C HIS B 24 0.14 -0.85 3.99
N SER B 25 0.63 0.34 3.63
CA SER B 25 -0.02 1.08 2.55
C SER B 25 0.00 0.30 1.25
N VAL B 26 1.10 -0.40 0.97
CA VAL B 26 1.16 -1.22 -0.25
C VAL B 26 0.09 -2.31 -0.20
N ALA B 27 -0.02 -2.99 0.95
CA ALA B 27 -1.05 -4.01 1.11
C ALA B 27 -2.45 -3.43 0.99
N ILE B 28 -2.66 -2.22 1.50
CA ILE B 28 -3.97 -1.61 1.40
C ILE B 28 -4.26 -1.20 -0.04
N SER B 29 -3.26 -0.59 -0.70
CA SER B 29 -3.46 -0.16 -2.08
C SER B 29 -3.62 -1.35 -3.03
N ALA B 30 -2.83 -2.41 -2.82
CA ALA B 30 -2.94 -3.57 -3.70
C ALA B 30 -4.27 -4.28 -3.51
N THR B 31 -4.69 -4.48 -2.26
CA THR B 31 -5.99 -5.10 -2.00
C THR B 31 -7.12 -4.25 -2.58
N MET B 32 -6.99 -2.93 -2.47
CA MET B 32 -8.00 -2.04 -3.02
C MET B 32 -8.06 -2.12 -4.55
N TYR B 33 -6.92 -2.32 -5.21
CA TYR B 33 -6.96 -2.49 -6.65
C TYR B 33 -7.54 -3.85 -7.03
N ARG B 34 -7.16 -4.91 -6.30
CA ARG B 34 -7.69 -6.23 -6.61
C ARG B 34 -9.21 -6.28 -6.41
N LEU B 35 -9.72 -5.56 -5.41
CA LEU B 35 -11.16 -5.51 -5.21
C LEU B 35 -11.84 -4.73 -6.32
N LEU B 36 -11.25 -3.60 -6.73
CA LEU B 36 -11.83 -2.81 -7.81
C LEU B 36 -11.85 -3.59 -9.12
N PHE B 37 -10.79 -4.38 -9.35
CA PHE B 37 -10.72 -5.23 -10.54
C PHE B 37 -11.89 -6.21 -10.59
N GLU B 38 -12.23 -6.81 -9.45
CA GLU B 38 -13.24 -7.86 -9.43
C GLU B 38 -14.66 -7.33 -9.30
N ARG B 39 -14.85 -6.16 -8.71
CA ARG B 39 -16.19 -5.64 -8.48
C ARG B 39 -16.66 -4.68 -9.56
N TYR B 40 -15.74 -4.02 -10.26
CA TYR B 40 -16.09 -3.07 -11.32
C TYR B 40 -15.16 -3.29 -12.50
N PRO B 41 -15.42 -4.32 -13.30
CA PRO B 41 -14.52 -4.65 -14.42
C PRO B 41 -14.48 -3.59 -15.51
N GLU B 42 -15.43 -2.66 -15.54
CA GLU B 42 -15.38 -1.59 -16.54
C GLU B 42 -14.17 -0.68 -16.33
N THR B 43 -13.60 -0.66 -15.13
CA THR B 43 -12.50 0.23 -14.80
C THR B 43 -11.13 -0.31 -15.19
N ARG B 44 -11.01 -1.61 -15.48
CA ARG B 44 -9.72 -2.15 -15.87
C ARG B 44 -9.17 -1.47 -17.11
N SER B 45 -10.05 -1.02 -18.01
CA SER B 45 -9.63 -0.22 -19.15
C SER B 45 -8.75 0.96 -18.73
N LEU B 46 -8.97 1.50 -17.53
CA LEU B 46 -8.33 2.77 -17.18
C LEU B 46 -6.86 2.60 -16.82
N PHE B 47 -6.46 1.41 -16.38
CA PHE B 47 -5.12 1.19 -15.84
C PHE B 47 -4.22 0.57 -16.90
N GLU B 48 -3.20 1.32 -17.31
CA GLU B 48 -2.19 0.80 -18.22
C GLU B 48 -1.12 0.00 -17.47
N LEU B 49 -0.64 0.53 -16.35
CA LEU B 49 0.43 -0.08 -15.58
C LEU B 49 -0.06 -0.30 -14.15
N PRO B 50 -0.87 -1.34 -13.92
CA PRO B 50 -1.47 -1.52 -12.58
C PRO B 50 -0.47 -1.67 -11.46
N GLU B 51 0.60 -2.45 -11.67
CA GLU B 51 1.60 -2.66 -10.62
C GLU B 51 2.24 -1.35 -10.20
N ARG B 52 2.59 -0.49 -11.16
CA ARG B 52 3.25 0.77 -10.84
C ARG B 52 2.29 1.72 -10.11
N VAL B 53 1.01 1.70 -10.47
CA VAL B 53 0.06 2.62 -9.86
C VAL B 53 -0.27 2.20 -8.43
N ILE B 54 -0.28 0.88 -8.16
CA ILE B 54 -0.50 0.40 -6.80
C ILE B 54 0.55 0.99 -5.86
N HIS B 55 1.82 1.00 -6.28
CA HIS B 55 2.86 1.57 -5.44
C HIS B 55 2.78 3.08 -5.38
N LYS B 56 2.25 3.73 -6.42
CA LYS B 56 2.14 5.19 -6.38
C LYS B 56 0.98 5.64 -5.49
N LEU B 57 -0.11 4.88 -5.48
CA LEU B 57 -1.21 5.22 -4.59
C LEU B 57 -0.83 4.96 -3.13
N ALA B 58 -0.15 3.84 -2.87
CA ALA B 58 0.33 3.56 -1.51
C ALA B 58 1.14 4.72 -0.97
N SER B 59 2.10 5.23 -1.77
CA SER B 59 2.90 6.36 -1.33
C SER B 59 2.06 7.63 -1.19
N ALA B 60 0.99 7.76 -1.97
CA ALA B 60 0.16 8.95 -1.87
C ALA B 60 -0.74 8.91 -0.63
N LEU B 61 -1.25 7.73 -0.27
CA LEU B 61 -1.98 7.58 0.98
C LEU B 61 -1.09 7.94 2.16
N LEU B 62 0.13 7.40 2.19
CA LEU B 62 1.05 7.67 3.28
C LEU B 62 1.38 9.15 3.34
N ALA B 63 1.71 9.76 2.20
CA ALA B 63 2.02 11.19 2.19
C ALA B 63 0.82 12.02 2.61
N TYR B 64 -0.38 11.61 2.20
CA TYR B 64 -1.59 12.36 2.56
C TYR B 64 -1.80 12.37 4.06
N ALA B 65 -1.67 11.21 4.70
CA ALA B 65 -1.82 11.14 6.15
C ALA B 65 -0.73 11.93 6.86
N ARG B 66 0.51 11.87 6.36
CA ARG B 66 1.62 12.54 7.01
C ARG B 66 1.54 14.06 6.89
N SER B 67 0.69 14.59 6.04
CA SER B 67 0.55 16.03 5.95
C SER B 67 -0.92 16.44 5.97
N ILE B 68 -1.74 15.65 6.66
CA ILE B 68 -3.19 15.85 6.72
C ILE B 68 -3.51 17.23 7.26
N ASP B 69 -2.57 17.82 8.00
CA ASP B 69 -2.79 19.11 8.64
C ASP B 69 -2.43 20.29 7.74
N ASN B 70 -1.83 20.06 6.58
CA ASN B 70 -1.69 21.10 5.56
C ASN B 70 -1.55 20.46 4.19
N PRO B 71 -2.68 20.18 3.50
CA PRO B 71 -2.62 19.48 2.22
C PRO B 71 -1.88 20.22 1.12
N SER B 72 -1.25 21.36 1.44
CA SER B 72 -0.55 22.14 0.42
C SER B 72 0.84 21.62 0.12
N ALA B 73 1.44 20.86 1.04
CA ALA B 73 2.67 20.15 0.74
C ALA B 73 2.48 19.07 -0.32
N LEU B 74 1.23 18.75 -0.66
CA LEU B 74 0.93 17.78 -1.71
C LEU B 74 0.63 18.43 -3.04
N GLN B 75 0.94 19.72 -3.20
CA GLN B 75 0.56 20.44 -4.41
C GLN B 75 1.11 19.77 -5.66
N ALA B 76 2.37 19.37 -5.63
CA ALA B 76 2.95 18.71 -6.80
C ALA B 76 2.33 17.33 -7.00
N ALA B 77 2.05 16.62 -5.91
CA ALA B 77 1.47 15.28 -6.04
C ALA B 77 0.03 15.36 -6.51
N ILE B 78 -0.72 16.35 -6.02
CA ILE B 78 -2.09 16.57 -6.46
C ILE B 78 -2.11 16.86 -7.96
N ARG B 79 -1.20 17.71 -8.43
CA ARG B 79 -1.11 17.97 -9.86
C ARG B 79 -0.90 16.68 -10.65
N ARG B 80 0.04 15.84 -10.21
CA ARG B 80 0.28 14.56 -10.89
C ARG B 80 -0.96 13.70 -10.90
N MET B 81 -1.65 13.60 -9.75
CA MET B 81 -2.87 12.82 -9.68
C MET B 81 -3.93 13.34 -10.62
N VAL B 82 -4.09 14.66 -10.70
CA VAL B 82 -5.13 15.26 -11.52
C VAL B 82 -4.86 15.00 -13.00
N LEU B 83 -3.62 15.15 -13.43
CA LEU B 83 -3.29 14.99 -14.83
C LEU B 83 -3.31 13.52 -15.25
N SER B 84 -2.95 12.61 -14.33
CA SER B 84 -3.04 11.18 -14.65
C SER B 84 -4.49 10.72 -14.73
N HIS B 85 -5.36 11.26 -13.86
CA HIS B 85 -6.77 10.92 -13.90
C HIS B 85 -7.41 11.44 -15.18
N ALA B 86 -7.11 12.68 -15.55
CA ALA B 86 -7.62 13.22 -16.80
C ALA B 86 -7.13 12.37 -17.97
N ARG B 87 -5.84 12.06 -18.00
CA ARG B 87 -5.25 11.28 -19.09
C ARG B 87 -5.89 9.90 -19.20
N ALA B 88 -6.39 9.35 -18.11
CA ALA B 88 -7.00 8.03 -18.13
C ALA B 88 -8.50 8.06 -18.34
N GLY B 89 -9.16 9.20 -18.14
CA GLY B 89 -10.59 9.28 -18.27
C GLY B 89 -11.36 9.02 -17.00
N VAL B 90 -10.79 9.31 -15.83
CA VAL B 90 -11.49 9.10 -14.58
C VAL B 90 -12.59 10.15 -14.42
N GLN B 91 -13.75 9.71 -13.93
CA GLN B 91 -14.93 10.56 -13.85
C GLN B 91 -15.35 10.73 -12.40
N ALA B 92 -16.12 11.80 -12.17
CA ALA B 92 -16.60 12.10 -10.82
C ALA B 92 -17.38 10.95 -10.21
N VAL B 93 -18.07 10.15 -11.04
CA VAL B 93 -18.85 9.03 -10.54
C VAL B 93 -18.00 7.84 -10.16
N HIS B 94 -16.71 7.86 -10.50
CA HIS B 94 -15.82 6.76 -10.15
C HIS B 94 -15.39 6.84 -8.68
N TYR B 95 -15.36 8.04 -8.11
CA TYR B 95 -14.82 8.20 -6.76
C TYR B 95 -15.60 7.43 -5.70
N PRO B 96 -16.94 7.37 -5.72
CA PRO B 96 -17.61 6.47 -4.78
C PRO B 96 -17.21 5.01 -4.92
N LEU B 97 -16.89 4.55 -6.12
CA LEU B 97 -16.53 3.13 -6.30
C LEU B 97 -15.21 2.82 -5.63
N VAL B 98 -14.21 3.69 -5.79
CA VAL B 98 -12.90 3.45 -5.21
C VAL B 98 -12.93 3.64 -3.70
N TRP B 99 -13.86 4.45 -3.17
CA TRP B 99 -13.98 4.54 -1.72
C TRP B 99 -14.42 3.20 -1.13
N GLU B 100 -15.48 2.62 -1.68
CA GLU B 100 -15.97 1.34 -1.17
C GLU B 100 -14.86 0.28 -1.17
N CYS B 101 -14.00 0.32 -2.17
CA CYS B 101 -12.89 -0.64 -2.23
C CYS B 101 -11.78 -0.29 -1.24
N LEU B 102 -11.51 1.00 -1.04
CA LEU B 102 -10.49 1.40 -0.05
C LEU B 102 -10.96 1.09 1.36
N ARG B 103 -12.24 1.32 1.66
CA ARG B 103 -12.78 0.99 2.97
C ARG B 103 -12.67 -0.49 3.25
N ASP B 104 -13.01 -1.32 2.27
CA ASP B 104 -12.94 -2.77 2.47
C ASP B 104 -11.51 -3.28 2.51
N ALA B 105 -10.57 -2.57 1.89
CA ALA B 105 -9.16 -2.94 2.02
C ALA B 105 -8.62 -2.55 3.40
N ILE B 106 -9.01 -1.39 3.91
CA ILE B 106 -8.66 -1.00 5.28
C ILE B 106 -9.23 -2.01 6.27
N LYS B 107 -10.52 -2.33 6.12
CA LYS B 107 -11.15 -3.34 6.95
C LYS B 107 -10.35 -4.63 6.95
N GLU B 108 -9.87 -5.04 5.78
CA GLU B 108 -9.20 -6.34 5.65
C GLU B 108 -7.77 -6.29 6.18
N VAL B 109 -7.05 -5.21 5.92
CA VAL B 109 -5.64 -5.15 6.33
C VAL B 109 -5.51 -4.75 7.79
N LEU B 110 -6.26 -3.76 8.24
CA LEU B 110 -6.18 -3.33 9.63
C LEU B 110 -6.93 -4.24 10.58
N GLY B 111 -7.79 -5.11 10.08
CA GLY B 111 -8.50 -6.08 10.89
C GLY B 111 -9.31 -5.45 12.00
N PRO B 112 -9.04 -5.87 13.25
CA PRO B 112 -9.80 -5.33 14.38
C PRO B 112 -9.57 -3.83 14.60
N ASP B 113 -8.44 -3.29 14.15
CA ASP B 113 -8.20 -1.85 14.27
C ASP B 113 -9.14 -1.04 13.38
N ALA B 114 -9.74 -1.67 12.37
CA ALA B 114 -10.61 -0.97 11.43
C ALA B 114 -12.02 -0.81 12.02
N THR B 115 -12.09 -0.15 13.17
CA THR B 115 -13.35 0.15 13.80
C THR B 115 -14.12 1.18 12.98
N GLU B 116 -15.38 1.38 13.34
CA GLU B 116 -16.23 2.24 12.52
C GLU B 116 -15.90 3.73 12.69
N THR B 117 -15.37 4.14 13.84
CA THR B 117 -14.96 5.53 13.97
C THR B 117 -13.67 5.81 13.20
N LEU B 118 -12.78 4.82 13.10
CA LEU B 118 -11.62 4.95 12.22
C LEU B 118 -12.06 5.02 10.76
N LEU B 119 -12.93 4.09 10.34
CA LEU B 119 -13.41 4.09 8.97
C LEU B 119 -14.18 5.37 8.63
N GLN B 120 -14.91 5.93 9.61
CA GLN B 120 -15.62 7.18 9.36
C GLN B 120 -14.64 8.32 9.12
N ALA B 121 -13.54 8.35 9.89
CA ALA B 121 -12.53 9.39 9.71
C ALA B 121 -11.89 9.29 8.34
N TRP B 122 -11.66 8.08 7.85
CA TRP B 122 -11.06 7.93 6.54
C TRP B 122 -12.05 8.22 5.42
N LYS B 123 -13.34 7.99 5.66
CA LYS B 123 -14.35 8.44 4.72
C LYS B 123 -14.31 9.95 4.58
N GLU B 124 -14.22 10.67 5.70
CA GLU B 124 -14.13 12.13 5.61
C GLU B 124 -12.85 12.56 4.92
N ALA B 125 -11.72 11.92 5.27
CA ALA B 125 -10.44 12.31 4.67
C ALA B 125 -10.42 12.01 3.17
N TYR B 126 -10.98 10.87 2.77
CA TYR B 126 -11.07 10.56 1.35
C TYR B 126 -11.95 11.57 0.62
N ASP B 127 -13.12 11.89 1.20
CA ASP B 127 -14.06 12.80 0.54
C ASP B 127 -13.43 14.17 0.31
N PHE B 128 -12.66 14.66 1.28
CA PHE B 128 -11.94 15.91 1.10
C PHE B 128 -11.01 15.84 -0.11
N LEU B 129 -10.17 14.79 -0.18
CA LEU B 129 -9.23 14.66 -1.29
C LEU B 129 -9.95 14.41 -2.61
N ALA B 130 -10.96 13.53 -2.61
CA ALA B 130 -11.72 13.26 -3.83
C ALA B 130 -12.37 14.54 -4.37
N HIS B 131 -12.91 15.37 -3.48
CA HIS B 131 -13.47 16.65 -3.91
C HIS B 131 -12.42 17.53 -4.54
N LEU B 132 -11.25 17.63 -3.90
CA LEU B 132 -10.18 18.46 -4.45
C LEU B 132 -9.73 17.95 -5.82
N LEU B 133 -9.55 16.63 -5.94
CA LEU B 133 -9.11 16.05 -7.21
C LEU B 133 -10.16 16.23 -8.31
N SER B 134 -11.40 15.82 -8.02
CA SER B 134 -12.41 15.73 -9.06
C SER B 134 -12.84 17.11 -9.58
N THR B 135 -12.80 18.15 -8.74
CA THR B 135 -13.10 19.48 -9.24
C THR B 135 -11.98 20.00 -10.13
N LYS B 136 -10.72 19.71 -9.78
CA LYS B 136 -9.63 20.11 -10.65
C LYS B 136 -9.65 19.33 -11.97
N GLU B 137 -10.06 18.06 -11.94
CA GLU B 137 -10.17 17.29 -13.17
C GLU B 137 -11.26 17.85 -14.07
N ALA B 138 -12.37 18.32 -13.48
CA ALA B 138 -13.44 18.92 -14.27
C ALA B 138 -12.95 20.21 -14.95
N GLN B 139 -12.18 21.02 -14.22
CA GLN B 139 -11.60 22.22 -14.83
C GLN B 139 -10.67 21.85 -15.98
N VAL B 140 -9.88 20.78 -15.81
CA VAL B 140 -8.99 20.34 -16.88
C VAL B 140 -9.80 19.82 -18.05
N TYR B 141 -10.84 19.02 -17.76
CA TYR B 141 -11.73 18.53 -18.79
C TYR B 141 -12.38 19.67 -19.58
N ALA B 142 -12.77 20.74 -18.89
CA ALA B 142 -13.41 21.86 -19.58
C ALA B 142 -12.47 22.57 -20.54
N VAL B 143 -11.18 22.66 -20.18
CA VAL B 143 -10.23 23.35 -21.06
C VAL B 143 -9.89 22.49 -22.28
N LEU B 144 -9.86 21.16 -22.11
CA LEU B 144 -9.63 20.28 -23.25
C LEU B 144 -10.74 20.37 -24.29
N ALA B 145 -11.93 20.83 -23.90
CA ALA B 145 -12.96 21.14 -24.89
C ALA B 145 -12.72 22.51 -25.53
N GLU B 146 -12.02 23.40 -24.82
CA GLU B 146 -11.63 24.74 -25.27
C GLU B 146 -12.80 25.71 -25.32
N MET C 2 11.50 -38.75 7.46
CA MET C 2 10.24 -38.52 6.74
C MET C 2 9.31 -37.71 7.64
N ALA C 3 9.74 -37.48 8.88
CA ALA C 3 9.08 -36.54 9.77
C ALA C 3 10.04 -35.39 10.04
N PRO C 4 9.76 -34.18 9.57
CA PRO C 4 10.74 -33.09 9.73
C PRO C 4 10.88 -32.67 11.18
N THR C 5 11.85 -31.81 11.43
CA THR C 5 12.01 -31.20 12.74
C THR C 5 12.23 -29.71 12.57
N LEU C 6 11.58 -28.93 13.43
CA LEU C 6 11.66 -27.48 13.39
C LEU C 6 12.72 -27.00 14.38
N SER C 7 13.73 -26.30 13.88
CA SER C 7 14.78 -25.78 14.75
C SER C 7 14.19 -24.83 15.78
N GLU C 8 14.96 -24.58 16.83
CA GLU C 8 14.51 -23.63 17.84
C GLU C 8 14.45 -22.21 17.27
N GLN C 9 15.35 -21.86 16.35
CA GLN C 9 15.29 -20.55 15.73
C GLN C 9 14.01 -20.36 14.94
N THR C 10 13.61 -21.39 14.18
CA THR C 10 12.35 -21.32 13.45
C THR C 10 11.16 -21.34 14.40
N ARG C 11 11.19 -22.23 15.40
CA ARG C 11 10.10 -22.27 16.38
C ARG C 11 9.97 -20.95 17.12
N GLN C 12 11.10 -20.27 17.37
CA GLN C 12 11.03 -19.01 18.11
C GLN C 12 10.55 -17.87 17.24
N LEU C 13 11.00 -17.80 15.98
CA LEU C 13 10.58 -16.71 15.11
C LEU C 13 9.11 -16.84 14.71
N VAL C 14 8.60 -18.07 14.60
CA VAL C 14 7.19 -18.26 14.29
C VAL C 14 6.33 -17.85 15.49
N ARG C 15 6.76 -18.23 16.69
CA ARG C 15 6.08 -17.77 17.90
C ARG C 15 6.11 -16.24 18.00
N ALA C 16 7.21 -15.61 17.58
CA ALA C 16 7.30 -14.16 17.66
C ALA C 16 6.43 -13.46 16.62
N SER C 17 5.97 -14.17 15.58
CA SER C 17 5.11 -13.58 14.57
C SER C 17 3.64 -13.70 14.91
N VAL C 18 3.32 -14.38 16.02
CA VAL C 18 1.91 -14.51 16.43
C VAL C 18 1.22 -13.16 16.55
N PRO C 19 1.83 -12.11 17.15
CA PRO C 19 1.14 -10.82 17.17
C PRO C 19 0.80 -10.27 15.79
N ALA C 20 1.73 -10.37 14.84
CA ALA C 20 1.43 -9.94 13.47
C ALA C 20 0.29 -10.75 12.86
N LEU C 21 0.18 -12.03 13.23
CA LEU C 21 -0.90 -12.86 12.71
C LEU C 21 -2.24 -12.54 13.36
N GLN C 22 -2.22 -12.09 14.61
CA GLN C 22 -3.48 -11.75 15.27
C GLN C 22 -4.17 -10.59 14.57
N LYS C 23 -3.40 -9.65 14.04
CA LYS C 23 -3.97 -8.50 13.35
C LYS C 23 -4.12 -8.70 11.85
N HIS C 24 -3.34 -9.60 11.24
CA HIS C 24 -3.24 -9.62 9.78
C HIS C 24 -3.45 -10.99 9.16
N SER C 25 -3.83 -12.01 9.93
CA SER C 25 -3.98 -13.34 9.32
C SER C 25 -5.02 -13.34 8.21
N VAL C 26 -6.08 -12.54 8.33
CA VAL C 26 -7.10 -12.49 7.28
C VAL C 26 -6.56 -11.78 6.04
N ALA C 27 -5.82 -10.70 6.23
CA ALA C 27 -5.19 -10.02 5.11
C ALA C 27 -4.20 -10.93 4.40
N ILE C 28 -3.38 -11.65 5.16
CA ILE C 28 -2.43 -12.58 4.56
C ILE C 28 -3.17 -13.69 3.81
N SER C 29 -4.23 -14.22 4.42
CA SER C 29 -4.94 -15.33 3.81
C SER C 29 -5.69 -14.89 2.56
N ALA C 30 -6.41 -13.76 2.64
CA ALA C 30 -7.13 -13.25 1.47
C ALA C 30 -6.18 -12.91 0.34
N THR C 31 -5.11 -12.17 0.64
CA THR C 31 -4.13 -11.82 -0.39
C THR C 31 -3.54 -13.06 -1.03
N MET C 32 -3.28 -14.09 -0.22
CA MET C 32 -2.69 -15.31 -0.77
C MET C 32 -3.66 -16.03 -1.70
N TYR C 33 -4.95 -16.04 -1.37
CA TYR C 33 -5.91 -16.68 -2.25
C TYR C 33 -6.02 -15.93 -3.58
N ARG C 34 -6.00 -14.59 -3.53
CA ARG C 34 -6.09 -13.80 -4.76
C ARG C 34 -4.87 -14.03 -5.65
N LEU C 35 -3.68 -14.17 -5.06
CA LEU C 35 -2.49 -14.48 -5.83
C LEU C 35 -2.59 -15.87 -6.45
N LEU C 36 -3.01 -16.87 -5.65
CA LEU C 36 -3.22 -18.21 -6.18
C LEU C 36 -4.25 -18.20 -7.30
N PHE C 37 -5.32 -17.41 -7.15
CA PHE C 37 -6.33 -17.31 -8.19
C PHE C 37 -5.75 -16.72 -9.47
N GLU C 38 -4.88 -15.72 -9.36
CA GLU C 38 -4.38 -15.04 -10.55
C GLU C 38 -3.21 -15.79 -11.19
N ARG C 39 -2.35 -16.43 -10.40
CA ARG C 39 -1.15 -17.07 -10.93
C ARG C 39 -1.36 -18.51 -11.35
N TYR C 40 -2.37 -19.19 -10.81
CA TYR C 40 -2.63 -20.59 -11.13
C TYR C 40 -4.14 -20.78 -11.25
N PRO C 41 -4.73 -20.40 -12.39
CA PRO C 41 -6.17 -20.52 -12.56
C PRO C 41 -6.69 -21.95 -12.60
N GLU C 42 -5.82 -22.95 -12.78
CA GLU C 42 -6.28 -24.33 -12.71
C GLU C 42 -6.73 -24.72 -11.31
N THR C 43 -6.30 -23.97 -10.29
CA THR C 43 -6.70 -24.23 -8.92
C THR C 43 -8.00 -23.53 -8.53
N ARG C 44 -8.50 -22.61 -9.37
CA ARG C 44 -9.74 -21.91 -9.03
C ARG C 44 -10.89 -22.89 -8.82
N SER C 45 -11.00 -23.89 -9.69
CA SER C 45 -12.11 -24.84 -9.60
C SER C 45 -12.10 -25.62 -8.29
N LEU C 46 -10.96 -25.65 -7.59
CA LEU C 46 -10.85 -26.42 -6.35
C LEU C 46 -11.66 -25.82 -5.21
N PHE C 47 -11.92 -24.51 -5.24
CA PHE C 47 -12.52 -23.80 -4.11
C PHE C 47 -14.00 -23.55 -4.37
N GLU C 48 -14.87 -24.29 -3.66
CA GLU C 48 -16.30 -24.08 -3.79
C GLU C 48 -16.74 -22.78 -3.13
N LEU C 49 -16.30 -22.54 -1.90
CA LEU C 49 -16.67 -21.35 -1.13
C LEU C 49 -15.40 -20.61 -0.71
N PRO C 50 -14.75 -19.91 -1.66
CA PRO C 50 -13.44 -19.32 -1.35
C PRO C 50 -13.44 -18.34 -0.19
N GLU C 51 -14.51 -17.56 -0.03
CA GLU C 51 -14.56 -16.61 1.07
C GLU C 51 -14.54 -17.33 2.42
N ARG C 52 -15.26 -18.45 2.51
CA ARG C 52 -15.30 -19.21 3.75
C ARG C 52 -13.94 -19.82 4.07
N VAL C 53 -13.23 -20.32 3.04
CA VAL C 53 -11.93 -20.95 3.27
C VAL C 53 -10.88 -19.92 3.67
N ILE C 54 -11.01 -18.68 3.17
CA ILE C 54 -10.07 -17.63 3.53
C ILE C 54 -10.03 -17.44 5.05
N HIS C 55 -11.20 -17.39 5.68
CA HIS C 55 -11.23 -17.18 7.12
C HIS C 55 -10.78 -18.41 7.89
N LYS C 56 -11.05 -19.61 7.37
CA LYS C 56 -10.58 -20.82 8.04
C LYS C 56 -9.06 -20.93 7.95
N LEU C 57 -8.48 -20.57 6.80
CA LEU C 57 -7.04 -20.57 6.69
C LEU C 57 -6.40 -19.56 7.63
N ALA C 58 -7.00 -18.36 7.73
CA ALA C 58 -6.45 -17.34 8.62
C ALA C 58 -6.33 -17.86 10.04
N SER C 59 -7.38 -18.54 10.53
CA SER C 59 -7.34 -19.05 11.90
C SER C 59 -6.35 -20.20 12.04
N ALA C 60 -6.27 -21.06 11.02
CA ALA C 60 -5.32 -22.17 11.09
C ALA C 60 -3.88 -21.67 11.16
N LEU C 61 -3.56 -20.59 10.44
CA LEU C 61 -2.24 -19.97 10.55
C LEU C 61 -1.96 -19.56 11.99
N LEU C 62 -2.86 -18.77 12.58
CA LEU C 62 -2.72 -18.32 13.95
C LEU C 62 -2.59 -19.49 14.92
N ALA C 63 -3.48 -20.48 14.78
CA ALA C 63 -3.45 -21.65 15.66
C ALA C 63 -2.16 -22.43 15.50
N TYR C 64 -1.66 -22.55 14.26
CA TYR C 64 -0.42 -23.29 14.03
C TYR C 64 0.78 -22.55 14.61
N ALA C 65 0.79 -21.22 14.49
CA ALA C 65 1.90 -20.45 15.05
C ALA C 65 1.90 -20.50 16.57
N ARG C 66 0.70 -20.45 17.18
CA ARG C 66 0.60 -20.47 18.63
C ARG C 66 1.00 -21.80 19.23
N SER C 67 0.95 -22.88 18.46
CA SER C 67 1.29 -24.21 18.94
C SER C 67 2.47 -24.78 18.18
N ILE C 68 3.34 -23.91 17.65
CA ILE C 68 4.45 -24.35 16.81
C ILE C 68 5.42 -25.26 17.55
N ASP C 69 5.48 -25.17 18.89
CA ASP C 69 6.37 -26.02 19.66
C ASP C 69 5.81 -27.42 19.89
N ASN C 70 4.56 -27.67 19.49
CA ASN C 70 4.03 -29.03 19.40
C ASN C 70 2.97 -29.05 18.31
N PRO C 71 3.40 -29.12 17.04
CA PRO C 71 2.45 -28.95 15.92
C PRO C 71 1.40 -30.05 15.78
N SER C 72 1.54 -31.17 16.49
CA SER C 72 0.58 -32.27 16.37
C SER C 72 -0.50 -32.23 17.44
N ALA C 73 -0.49 -31.23 18.32
CA ALA C 73 -1.59 -31.05 19.25
C ALA C 73 -2.89 -30.65 18.58
N LEU C 74 -2.84 -30.24 17.31
CA LEU C 74 -4.02 -29.80 16.59
C LEU C 74 -4.56 -30.91 15.70
N GLN C 75 -4.85 -32.06 16.32
CA GLN C 75 -5.32 -33.21 15.56
C GLN C 75 -6.65 -32.92 14.88
N ALA C 76 -7.55 -32.21 15.58
CA ALA C 76 -8.85 -31.92 15.02
C ALA C 76 -8.74 -31.01 13.80
N ALA C 77 -7.88 -30.00 13.87
CA ALA C 77 -7.68 -29.12 12.73
C ALA C 77 -6.94 -29.82 11.61
N ILE C 78 -5.94 -30.65 11.94
CA ILE C 78 -5.22 -31.41 10.92
C ILE C 78 -6.16 -32.38 10.22
N ARG C 79 -6.97 -33.10 11.00
CA ARG C 79 -7.99 -33.98 10.42
C ARG C 79 -8.85 -33.23 9.41
N ARG C 80 -9.31 -32.03 9.77
CA ARG C 80 -10.20 -31.29 8.89
C ARG C 80 -9.46 -30.82 7.64
N MET C 81 -8.22 -30.36 7.79
CA MET C 81 -7.42 -30.00 6.62
C MET C 81 -7.24 -31.19 5.70
N VAL C 82 -6.85 -32.34 6.26
CA VAL C 82 -6.58 -33.52 5.44
C VAL C 82 -7.82 -33.92 4.66
N LEU C 83 -8.97 -34.00 5.34
CA LEU C 83 -10.17 -34.51 4.70
C LEU C 83 -10.77 -33.51 3.71
N SER C 84 -10.68 -32.21 4.02
CA SER C 84 -11.12 -31.21 3.05
C SER C 84 -10.23 -31.22 1.80
N HIS C 85 -8.91 -31.35 1.99
CA HIS C 85 -8.00 -31.44 0.86
C HIS C 85 -8.29 -32.67 0.01
N ALA C 86 -8.54 -33.81 0.65
CA ALA C 86 -8.85 -35.03 -0.09
C ALA C 86 -10.17 -34.89 -0.85
N ARG C 87 -11.15 -34.25 -0.21
CA ARG C 87 -12.44 -34.03 -0.86
C ARG C 87 -12.28 -33.19 -2.12
N ALA C 88 -11.39 -32.20 -2.09
CA ALA C 88 -11.22 -31.28 -3.20
C ALA C 88 -10.23 -31.78 -4.26
N GLY C 89 -9.47 -32.82 -3.97
CA GLY C 89 -8.49 -33.30 -4.92
C GLY C 89 -7.15 -32.58 -4.85
N VAL C 90 -6.80 -32.04 -3.69
CA VAL C 90 -5.51 -31.37 -3.52
C VAL C 90 -4.40 -32.40 -3.71
N GLN C 91 -3.47 -32.09 -4.60
CA GLN C 91 -2.36 -32.98 -4.91
C GLN C 91 -1.08 -32.45 -4.26
N ALA C 92 -0.17 -33.38 -3.96
CA ALA C 92 1.10 -33.01 -3.33
C ALA C 92 1.88 -31.99 -4.14
N VAL C 93 1.64 -31.92 -5.46
CA VAL C 93 2.32 -30.93 -6.30
C VAL C 93 1.73 -29.54 -6.16
N HIS C 94 0.55 -29.42 -5.55
CA HIS C 94 -0.06 -28.10 -5.35
C HIS C 94 0.63 -27.32 -4.24
N TYR C 95 1.27 -28.01 -3.30
CA TYR C 95 1.80 -27.34 -2.11
C TYR C 95 2.91 -26.33 -2.41
N PRO C 96 3.81 -26.53 -3.38
CA PRO C 96 4.75 -25.45 -3.70
C PRO C 96 4.07 -24.18 -4.22
N LEU C 97 2.96 -24.31 -4.95
CA LEU C 97 2.28 -23.12 -5.44
C LEU C 97 1.71 -22.29 -4.29
N VAL C 98 1.12 -22.94 -3.29
CA VAL C 98 0.51 -22.20 -2.20
C VAL C 98 1.57 -21.56 -1.32
N TRP C 99 2.74 -22.20 -1.15
CA TRP C 99 3.81 -21.54 -0.42
C TRP C 99 4.30 -20.30 -1.16
N GLU C 100 4.35 -20.37 -2.49
CA GLU C 100 4.79 -19.22 -3.27
C GLU C 100 3.87 -18.03 -3.06
N CYS C 101 2.55 -18.28 -3.02
CA CYS C 101 1.58 -17.20 -2.81
C CYS C 101 1.49 -16.78 -1.36
N LEU C 102 1.68 -17.71 -0.42
CA LEU C 102 1.68 -17.34 1.00
C LEU C 102 2.91 -16.51 1.35
N ARG C 103 4.07 -16.88 0.79
CA ARG C 103 5.28 -16.09 0.99
C ARG C 103 5.11 -14.68 0.44
N ASP C 104 4.55 -14.57 -0.77
CA ASP C 104 4.35 -13.25 -1.35
C ASP C 104 3.26 -12.46 -0.63
N ALA C 105 2.28 -13.15 -0.05
CA ALA C 105 1.27 -12.46 0.75
C ALA C 105 1.87 -11.92 2.04
N ILE C 106 2.69 -12.74 2.72
CA ILE C 106 3.36 -12.29 3.93
C ILE C 106 4.24 -11.09 3.63
N LYS C 107 4.99 -11.15 2.52
CA LYS C 107 5.83 -10.01 2.13
C LYS C 107 4.98 -8.78 1.87
N GLU C 108 3.86 -8.95 1.17
CA GLU C 108 3.05 -7.79 0.80
C GLU C 108 2.37 -7.17 2.01
N VAL C 109 1.84 -8.00 2.91
CA VAL C 109 1.04 -7.49 4.02
C VAL C 109 1.93 -6.91 5.12
N LEU C 110 2.93 -7.66 5.56
CA LEU C 110 3.78 -7.24 6.66
C LEU C 110 4.83 -6.21 6.25
N GLY C 111 5.04 -6.00 4.95
CA GLY C 111 5.95 -4.98 4.46
C GLY C 111 7.36 -5.13 4.96
N PRO C 112 7.83 -4.16 5.75
CA PRO C 112 9.21 -4.20 6.25
C PRO C 112 9.45 -5.28 7.31
N ASP C 113 8.41 -5.76 7.98
CA ASP C 113 8.59 -6.81 8.98
C ASP C 113 8.76 -8.19 8.36
N ALA C 114 8.69 -8.31 7.04
CA ALA C 114 8.89 -9.59 6.35
C ALA C 114 10.35 -9.73 5.93
N THR C 115 11.22 -9.81 6.94
CA THR C 115 12.64 -10.00 6.69
C THR C 115 12.89 -11.38 6.08
N GLU C 116 14.10 -11.57 5.57
CA GLU C 116 14.47 -12.87 5.02
C GLU C 116 14.47 -13.95 6.11
N THR C 117 14.88 -13.56 7.32
CA THR C 117 14.91 -14.52 8.42
C THR C 117 13.52 -14.99 8.79
N LEU C 118 12.54 -14.09 8.82
CA LEU C 118 11.18 -14.47 9.18
C LEU C 118 10.53 -15.31 8.07
N LEU C 119 10.77 -14.95 6.81
CA LEU C 119 10.24 -15.76 5.72
C LEU C 119 10.85 -17.15 5.72
N GLN C 120 12.14 -17.26 6.01
CA GLN C 120 12.78 -18.57 6.06
C GLN C 120 12.21 -19.41 7.19
N ALA C 121 11.96 -18.78 8.35
CA ALA C 121 11.32 -19.48 9.45
C ALA C 121 9.93 -19.98 9.05
N TRP C 122 9.21 -19.20 8.25
CA TRP C 122 7.88 -19.61 7.82
C TRP C 122 7.93 -20.61 6.66
N LYS C 123 8.99 -20.58 5.86
CA LYS C 123 9.18 -21.61 4.85
C LYS C 123 9.32 -22.99 5.50
N GLU C 124 10.10 -23.07 6.57
CA GLU C 124 10.33 -24.36 7.22
C GLU C 124 9.09 -24.81 7.97
N ALA C 125 8.39 -23.89 8.64
CA ALA C 125 7.16 -24.24 9.33
C ALA C 125 6.06 -24.65 8.35
N TYR C 126 6.02 -24.02 7.17
CA TYR C 126 5.09 -24.45 6.14
C TYR C 126 5.44 -25.83 5.62
N ASP C 127 6.71 -26.05 5.29
CA ASP C 127 7.13 -27.33 4.73
C ASP C 127 6.89 -28.47 5.71
N PHE C 128 7.09 -28.20 7.01
CA PHE C 128 6.75 -29.20 8.02
C PHE C 128 5.28 -29.58 7.93
N LEU C 129 4.39 -28.58 7.94
CA LEU C 129 2.95 -28.84 7.90
C LEU C 129 2.52 -29.43 6.56
N ALA C 130 3.06 -28.91 5.46
CA ALA C 130 2.77 -29.46 4.14
C ALA C 130 3.12 -30.94 4.05
N HIS C 131 4.24 -31.34 4.65
CA HIS C 131 4.63 -32.75 4.63
C HIS C 131 3.68 -33.59 5.44
N LEU C 132 3.25 -33.08 6.60
CA LEU C 132 2.30 -33.80 7.44
C LEU C 132 0.96 -33.98 6.71
N LEU C 133 0.44 -32.90 6.13
CA LEU C 133 -0.86 -32.96 5.46
C LEU C 133 -0.80 -33.84 4.21
N SER C 134 0.17 -33.60 3.33
CA SER C 134 0.23 -34.33 2.06
C SER C 134 0.45 -35.81 2.28
N THR C 135 1.23 -36.18 3.30
CA THR C 135 1.49 -37.58 3.59
C THR C 135 0.21 -38.29 4.01
N LYS C 136 -0.52 -37.71 4.97
CA LYS C 136 -1.75 -38.34 5.44
C LYS C 136 -2.85 -38.29 4.37
N GLU C 137 -2.81 -37.28 3.50
CA GLU C 137 -3.71 -37.25 2.36
C GLU C 137 -3.45 -38.41 1.40
N ALA C 138 -2.16 -38.73 1.18
CA ALA C 138 -1.83 -39.85 0.30
C ALA C 138 -2.40 -41.15 0.86
N GLN C 139 -2.27 -41.38 2.17
CA GLN C 139 -2.84 -42.57 2.78
C GLN C 139 -4.35 -42.61 2.63
N VAL C 140 -5.00 -41.44 2.70
CA VAL C 140 -6.45 -41.38 2.52
C VAL C 140 -6.83 -41.71 1.08
N TYR C 141 -6.07 -41.18 0.11
CA TYR C 141 -6.33 -41.46 -1.29
C TYR C 141 -6.17 -42.95 -1.61
N ALA C 142 -5.18 -43.59 -1.01
CA ALA C 142 -4.93 -45.00 -1.31
C ALA C 142 -6.06 -45.89 -0.77
N VAL C 143 -6.62 -45.54 0.39
CA VAL C 143 -7.71 -46.30 0.96
C VAL C 143 -8.98 -46.15 0.11
N LEU C 144 -9.18 -44.99 -0.50
CA LEU C 144 -10.39 -44.73 -1.28
C LEU C 144 -10.29 -45.22 -2.72
N ALA C 145 -9.08 -45.53 -3.20
CA ALA C 145 -8.97 -46.15 -4.52
C ALA C 145 -9.59 -47.54 -4.54
N GLU C 146 -9.58 -48.23 -3.42
CA GLU C 146 -10.20 -49.56 -3.30
C GLU C 146 -11.72 -49.42 -3.13
N SER D 1 -15.24 -3.56 24.63
CA SER D 1 -16.36 -4.49 24.59
C SER D 1 -17.00 -4.61 25.97
N MET D 2 -16.21 -5.09 26.93
CA MET D 2 -16.67 -5.27 28.31
C MET D 2 -15.47 -5.21 29.23
N ALA D 3 -15.68 -5.52 30.51
CA ALA D 3 -14.59 -5.53 31.47
C ALA D 3 -13.90 -6.89 31.48
N PRO D 4 -12.57 -6.92 31.58
CA PRO D 4 -11.86 -8.21 31.55
C PRO D 4 -11.42 -8.68 32.93
N THR D 5 -11.18 -9.98 33.05
CA THR D 5 -10.60 -10.55 34.26
C THR D 5 -9.11 -10.77 34.06
N LEU D 6 -8.35 -10.59 35.13
CA LEU D 6 -6.90 -10.76 35.10
C LEU D 6 -6.53 -12.05 35.80
N SER D 7 -5.71 -12.87 35.13
CA SER D 7 -5.35 -14.17 35.66
C SER D 7 -4.69 -14.05 37.03
N GLU D 8 -4.76 -15.14 37.79
CA GLU D 8 -4.09 -15.19 39.08
C GLU D 8 -2.59 -15.45 38.92
N GLN D 9 -2.19 -16.22 37.90
CA GLN D 9 -0.77 -16.37 37.60
C GLN D 9 -0.20 -15.10 36.99
N THR D 10 -1.01 -14.38 36.19
CA THR D 10 -0.58 -13.09 35.68
C THR D 10 -0.45 -12.07 36.81
N ARG D 11 -1.49 -11.95 37.64
CA ARG D 11 -1.44 -11.03 38.77
C ARG D 11 -0.29 -11.36 39.71
N GLN D 12 0.15 -12.61 39.74
CA GLN D 12 1.23 -13.00 40.64
C GLN D 12 2.60 -12.61 40.07
N LEU D 13 2.83 -12.87 38.79
CA LEU D 13 4.13 -12.58 38.19
C LEU D 13 4.39 -11.08 38.12
N VAL D 14 3.34 -10.26 38.02
CA VAL D 14 3.55 -8.82 38.03
C VAL D 14 3.99 -8.37 39.42
N ARG D 15 3.49 -9.01 40.47
CA ARG D 15 3.97 -8.69 41.82
C ARG D 15 5.46 -8.98 41.96
N ALA D 16 5.93 -10.10 41.39
CA ALA D 16 7.35 -10.45 41.48
C ALA D 16 8.23 -9.51 40.68
N SER D 17 7.68 -8.71 39.77
CA SER D 17 8.47 -7.77 38.98
C SER D 17 8.69 -6.43 39.68
N VAL D 18 8.05 -6.21 40.84
CA VAL D 18 8.14 -4.90 41.49
C VAL D 18 9.57 -4.51 41.86
N PRO D 19 10.43 -5.39 42.39
CA PRO D 19 11.80 -4.96 42.70
C PRO D 19 12.59 -4.51 41.47
N ALA D 20 12.47 -5.22 40.36
CA ALA D 20 13.12 -4.77 39.12
C ALA D 20 12.55 -3.42 38.67
N LEU D 21 11.23 -3.29 38.71
CA LEU D 21 10.62 -1.99 38.40
C LEU D 21 11.08 -0.92 39.38
N GLN D 22 11.38 -1.31 40.62
CA GLN D 22 11.84 -0.33 41.60
C GLN D 22 13.16 0.29 41.19
N LYS D 23 14.03 -0.49 40.57
CA LYS D 23 15.34 0.00 40.16
C LYS D 23 15.40 0.42 38.69
N HIS D 24 14.54 -0.14 37.83
CA HIS D 24 14.72 0.05 36.39
C HIS D 24 13.46 0.52 35.67
N SER D 25 12.42 0.96 36.39
CA SER D 25 11.23 1.45 35.70
C SER D 25 11.53 2.66 34.85
N VAL D 26 12.45 3.52 35.29
CA VAL D 26 12.81 4.70 34.50
C VAL D 26 13.58 4.28 33.26
N ALA D 27 14.48 3.29 33.38
CA ALA D 27 15.18 2.80 32.21
C ALA D 27 14.25 2.09 31.24
N ILE D 28 13.26 1.37 31.76
CA ILE D 28 12.28 0.72 30.89
C ILE D 28 11.47 1.78 30.16
N SER D 29 11.03 2.81 30.88
CA SER D 29 10.15 3.82 30.29
C SER D 29 10.88 4.65 29.24
N ALA D 30 12.11 5.08 29.55
CA ALA D 30 12.86 5.90 28.60
C ALA D 30 13.22 5.11 27.35
N THR D 31 13.57 3.83 27.51
CA THR D 31 13.90 3.02 26.35
C THR D 31 12.65 2.76 25.51
N MET D 32 11.52 2.51 26.16
CA MET D 32 10.27 2.34 25.43
C MET D 32 9.96 3.56 24.57
N TYR D 33 10.13 4.76 25.13
CA TYR D 33 9.83 5.96 24.37
C TYR D 33 10.80 6.15 23.22
N ARG D 34 12.09 5.88 23.45
CA ARG D 34 13.07 6.01 22.39
C ARG D 34 12.79 5.04 21.25
N LEU D 35 12.32 3.83 21.57
CA LEU D 35 11.93 2.88 20.53
C LEU D 35 10.70 3.37 19.77
N LEU D 36 9.67 3.81 20.50
CA LEU D 36 8.50 4.41 19.86
C LEU D 36 8.91 5.53 18.91
N PHE D 37 9.83 6.38 19.36
CA PHE D 37 10.25 7.55 18.59
C PHE D 37 11.01 7.15 17.32
N GLU D 38 11.83 6.10 17.38
CA GLU D 38 12.56 5.72 16.17
C GLU D 38 11.81 4.77 15.26
N ARG D 39 10.89 3.96 15.80
CA ARG D 39 10.09 3.07 14.96
C ARG D 39 8.89 3.77 14.33
N TYR D 40 8.28 4.72 15.03
CA TYR D 40 7.10 5.43 14.54
C TYR D 40 7.33 6.92 14.77
N PRO D 41 8.17 7.55 13.93
CA PRO D 41 8.68 8.89 14.23
C PRO D 41 7.59 9.93 14.44
N GLU D 42 6.46 9.82 13.75
CA GLU D 42 5.42 10.83 13.83
C GLU D 42 4.75 10.90 15.19
N THR D 43 4.90 9.85 16.01
CA THR D 43 4.30 9.84 17.33
C THR D 43 4.98 10.79 18.30
N ARG D 44 6.18 11.29 17.96
CA ARG D 44 6.89 12.15 18.89
C ARG D 44 6.19 13.50 19.07
N SER D 45 5.43 13.94 18.06
CA SER D 45 4.72 15.20 18.17
C SER D 45 3.51 15.13 19.11
N LEU D 46 3.09 13.92 19.48
CA LEU D 46 2.09 13.78 20.54
C LEU D 46 2.61 14.27 21.88
N PHE D 47 3.93 14.34 22.06
CA PHE D 47 4.56 14.59 23.36
C PHE D 47 5.12 16.00 23.38
N GLU D 48 4.55 16.85 24.25
CA GLU D 48 5.10 18.19 24.42
C GLU D 48 6.32 18.17 25.32
N LEU D 49 6.30 17.40 26.41
CA LEU D 49 7.43 17.30 27.34
C LEU D 49 7.78 15.83 27.52
N PRO D 50 8.55 15.25 26.59
CA PRO D 50 8.86 13.81 26.67
C PRO D 50 9.56 13.40 27.96
N GLU D 51 10.50 14.20 28.45
CA GLU D 51 11.24 13.81 29.64
C GLU D 51 10.33 13.71 30.85
N ARG D 52 9.41 14.67 31.01
CA ARG D 52 8.43 14.58 32.09
C ARG D 52 7.57 13.34 31.95
N VAL D 53 7.11 13.04 30.74
CA VAL D 53 6.23 11.89 30.53
C VAL D 53 6.99 10.59 30.77
N ILE D 54 8.30 10.57 30.52
CA ILE D 54 9.09 9.38 30.77
C ILE D 54 9.07 9.03 32.25
N HIS D 55 9.22 10.03 33.12
CA HIS D 55 9.27 9.75 34.55
C HIS D 55 7.90 9.35 35.09
N LYS D 56 6.82 9.97 34.59
CA LYS D 56 5.49 9.65 35.08
C LYS D 56 5.06 8.26 34.64
N LEU D 57 5.39 7.86 33.41
CA LEU D 57 5.10 6.49 32.98
C LEU D 57 5.84 5.47 33.84
N ALA D 58 7.07 5.79 34.26
CA ALA D 58 7.81 4.88 35.11
C ALA D 58 7.19 4.78 36.50
N SER D 59 6.74 5.91 37.05
CA SER D 59 6.01 5.89 38.30
C SER D 59 4.70 5.13 38.16
N ALA D 60 4.03 5.26 37.01
CA ALA D 60 2.72 4.66 36.85
C ALA D 60 2.82 3.14 36.73
N LEU D 61 3.78 2.64 35.96
CA LEU D 61 3.96 1.20 35.82
C LEU D 61 4.20 0.55 37.17
N LEU D 62 5.11 1.10 37.97
CA LEU D 62 5.44 0.49 39.27
C LEU D 62 4.25 0.58 40.23
N ALA D 63 3.60 1.74 40.28
CA ALA D 63 2.35 1.85 41.02
C ALA D 63 1.32 0.84 40.53
N TYR D 64 1.28 0.61 39.21
CA TYR D 64 0.34 -0.35 38.64
C TYR D 64 0.70 -1.77 39.03
N ALA D 65 2.00 -2.09 39.06
CA ALA D 65 2.42 -3.43 39.45
C ALA D 65 2.15 -3.67 40.93
N ARG D 66 2.35 -2.64 41.76
CA ARG D 66 2.14 -2.74 43.19
C ARG D 66 0.69 -2.97 43.58
N SER D 67 -0.26 -2.75 42.67
CA SER D 67 -1.68 -2.92 42.97
C SER D 67 -2.39 -3.72 41.88
N ILE D 68 -1.72 -4.73 41.33
CA ILE D 68 -2.30 -5.55 40.27
C ILE D 68 -3.47 -6.39 40.76
N ASP D 69 -3.61 -6.53 42.08
CA ASP D 69 -4.65 -7.39 42.64
C ASP D 69 -6.03 -6.77 42.51
N ASN D 70 -6.10 -5.43 42.47
CA ASN D 70 -7.28 -4.76 41.94
C ASN D 70 -6.87 -3.40 41.37
N PRO D 71 -6.86 -3.24 40.04
CA PRO D 71 -6.61 -1.92 39.45
C PRO D 71 -7.76 -0.94 39.65
N SER D 72 -8.10 -0.64 40.91
CA SER D 72 -9.05 0.42 41.24
C SER D 72 -8.52 1.43 42.24
N ALA D 73 -7.50 1.09 43.02
CA ALA D 73 -6.89 2.09 43.90
C ALA D 73 -6.26 3.23 43.13
N LEU D 74 -6.09 3.08 41.81
CA LEU D 74 -5.56 4.14 40.95
C LEU D 74 -6.67 4.75 40.09
N GLN D 75 -7.87 4.90 40.64
CA GLN D 75 -8.96 5.50 39.86
C GLN D 75 -8.63 6.95 39.52
N ALA D 76 -7.99 7.68 40.43
CA ALA D 76 -7.61 9.05 40.12
C ALA D 76 -6.47 9.07 39.10
N ALA D 77 -5.47 8.19 39.27
CA ALA D 77 -4.38 8.10 38.31
C ALA D 77 -4.89 7.69 36.93
N ILE D 78 -5.93 6.86 36.87
CA ILE D 78 -6.51 6.49 35.59
C ILE D 78 -7.23 7.68 34.96
N ARG D 79 -7.91 8.48 35.79
CA ARG D 79 -8.56 9.70 35.30
C ARG D 79 -7.54 10.61 34.61
N ARG D 80 -6.40 10.85 35.26
CA ARG D 80 -5.40 11.74 34.69
C ARG D 80 -4.82 11.17 33.39
N MET D 81 -4.58 9.86 33.35
CA MET D 81 -4.10 9.24 32.12
C MET D 81 -5.11 9.40 30.99
N VAL D 82 -6.39 9.15 31.29
CA VAL D 82 -7.44 9.25 30.27
C VAL D 82 -7.49 10.65 29.68
N LEU D 83 -7.45 11.68 30.54
CA LEU D 83 -7.59 13.04 30.04
C LEU D 83 -6.32 13.53 29.34
N SER D 84 -5.15 13.09 29.80
CA SER D 84 -3.91 13.41 29.12
C SER D 84 -3.92 12.86 27.70
N HIS D 85 -4.36 11.61 27.53
CA HIS D 85 -4.37 10.99 26.21
C HIS D 85 -5.34 11.69 25.27
N ALA D 86 -6.55 11.99 25.75
CA ALA D 86 -7.54 12.66 24.92
C ALA D 86 -7.07 14.05 24.52
N ARG D 87 -6.42 14.77 25.45
CA ARG D 87 -5.86 16.07 25.13
C ARG D 87 -4.84 15.97 23.99
N ALA D 88 -4.04 14.91 23.98
CA ALA D 88 -3.02 14.74 22.95
C ALA D 88 -3.53 14.05 21.70
N GLY D 89 -4.74 13.48 21.74
CA GLY D 89 -5.27 12.78 20.60
C GLY D 89 -4.88 11.32 20.50
N VAL D 90 -4.52 10.68 21.62
CA VAL D 90 -4.13 9.28 21.58
C VAL D 90 -5.32 8.43 21.18
N GLN D 91 -5.11 7.54 20.22
CA GLN D 91 -6.17 6.74 19.64
C GLN D 91 -5.97 5.26 19.96
N ALA D 92 -7.05 4.49 19.81
CA ALA D 92 -7.03 3.07 20.12
C ALA D 92 -5.89 2.35 19.38
N VAL D 93 -5.65 2.71 18.11
CA VAL D 93 -4.61 2.04 17.33
C VAL D 93 -3.21 2.34 17.83
N HIS D 94 -3.04 3.27 18.78
CA HIS D 94 -1.71 3.56 19.31
C HIS D 94 -1.28 2.53 20.36
N TYR D 95 -2.23 1.91 21.05
CA TYR D 95 -1.87 1.05 22.17
C TYR D 95 -1.05 -0.17 21.77
N PRO D 96 -1.34 -0.88 20.66
CA PRO D 96 -0.44 -1.98 20.28
C PRO D 96 0.97 -1.51 19.96
N LEU D 97 1.13 -0.27 19.51
CA LEU D 97 2.48 0.27 19.25
C LEU D 97 3.26 0.40 20.55
N VAL D 98 2.64 0.95 21.58
CA VAL D 98 3.37 1.18 22.83
C VAL D 98 3.69 -0.14 23.51
N TRP D 99 2.77 -1.12 23.45
CA TRP D 99 3.11 -2.44 23.99
C TRP D 99 4.29 -3.04 23.27
N GLU D 100 4.30 -2.97 21.93
CA GLU D 100 5.41 -3.50 21.15
C GLU D 100 6.74 -2.92 21.63
N CYS D 101 6.78 -1.62 21.91
CA CYS D 101 8.02 -0.99 22.36
C CYS D 101 8.26 -1.20 23.85
N LEU D 102 7.20 -1.29 24.65
CA LEU D 102 7.38 -1.60 26.07
C LEU D 102 7.91 -3.01 26.26
N ARG D 103 7.39 -3.97 25.49
CA ARG D 103 7.87 -5.34 25.59
C ARG D 103 9.35 -5.44 25.24
N ASP D 104 9.75 -4.85 24.12
CA ASP D 104 11.17 -4.86 23.76
C ASP D 104 12.00 -4.03 24.74
N ALA D 105 11.41 -2.98 25.33
CA ALA D 105 12.14 -2.22 26.34
C ALA D 105 12.41 -3.06 27.58
N ILE D 106 11.42 -3.85 28.00
CA ILE D 106 11.61 -4.77 29.12
C ILE D 106 12.71 -5.77 28.80
N LYS D 107 12.70 -6.31 27.57
CA LYS D 107 13.70 -7.30 27.19
C LYS D 107 15.10 -6.72 27.19
N GLU D 108 15.26 -5.51 26.64
CA GLU D 108 16.57 -4.88 26.59
C GLU D 108 17.09 -4.56 27.99
N VAL D 109 16.23 -4.07 28.88
CA VAL D 109 16.70 -3.63 30.19
C VAL D 109 16.91 -4.81 31.12
N LEU D 110 15.91 -5.68 31.26
CA LEU D 110 15.98 -6.79 32.21
C LEU D 110 16.92 -7.90 31.74
N GLY D 111 17.16 -8.02 30.44
CA GLY D 111 18.05 -9.02 29.92
C GLY D 111 17.56 -10.44 30.17
N PRO D 112 18.36 -11.22 30.91
CA PRO D 112 17.98 -12.62 31.12
C PRO D 112 16.72 -12.81 31.95
N ASP D 113 16.39 -11.85 32.83
CA ASP D 113 15.20 -11.98 33.65
C ASP D 113 13.90 -11.73 32.87
N ALA D 114 13.99 -11.15 31.67
CA ALA D 114 12.82 -10.93 30.84
C ALA D 114 12.34 -12.24 30.25
N THR D 115 11.86 -13.14 31.10
CA THR D 115 11.38 -14.44 30.65
C THR D 115 10.15 -14.28 29.76
N GLU D 116 9.93 -15.27 28.90
CA GLU D 116 8.73 -15.28 28.07
C GLU D 116 7.46 -15.41 28.90
N THR D 117 7.55 -16.00 30.10
CA THR D 117 6.39 -16.02 30.99
C THR D 117 6.17 -14.68 31.68
N LEU D 118 7.25 -13.96 31.98
CA LEU D 118 7.12 -12.61 32.52
C LEU D 118 6.54 -11.65 31.48
N LEU D 119 6.95 -11.81 30.22
CA LEU D 119 6.45 -10.93 29.16
C LEU D 119 4.98 -11.19 28.87
N GLN D 120 4.58 -12.46 28.84
CA GLN D 120 3.16 -12.76 28.66
C GLN D 120 2.33 -12.27 29.85
N ALA D 121 2.93 -12.22 31.05
CA ALA D 121 2.23 -11.68 32.20
C ALA D 121 2.01 -10.18 32.04
N TRP D 122 3.05 -9.45 31.65
CA TRP D 122 2.91 -8.00 31.50
C TRP D 122 2.03 -7.64 30.30
N LYS D 123 2.03 -8.47 29.26
CA LYS D 123 1.14 -8.22 28.12
C LYS D 123 -0.32 -8.28 28.55
N GLU D 124 -0.68 -9.31 29.31
CA GLU D 124 -2.02 -9.38 29.87
C GLU D 124 -2.30 -8.20 30.80
N ALA D 125 -1.30 -7.82 31.60
CA ALA D 125 -1.47 -6.67 32.48
C ALA D 125 -1.61 -5.38 31.68
N TYR D 126 -0.78 -5.20 30.66
CA TYR D 126 -0.89 -4.04 29.79
C TYR D 126 -2.25 -4.00 29.08
N ASP D 127 -2.69 -5.15 28.57
CA ASP D 127 -3.95 -5.18 27.83
C ASP D 127 -5.13 -4.80 28.71
N PHE D 128 -5.14 -5.26 29.96
CA PHE D 128 -6.21 -4.87 30.87
C PHE D 128 -6.25 -3.36 31.05
N LEU D 129 -5.10 -2.75 31.31
CA LEU D 129 -5.04 -1.30 31.48
C LEU D 129 -5.35 -0.57 30.18
N ALA D 130 -4.95 -1.13 29.04
CA ALA D 130 -5.21 -0.47 27.76
C ALA D 130 -6.70 -0.46 27.44
N HIS D 131 -7.40 -1.56 27.72
CA HIS D 131 -8.83 -1.65 27.41
C HIS D 131 -9.63 -0.61 28.18
N LEU D 132 -9.35 -0.45 29.47
CA LEU D 132 -10.14 0.49 30.26
C LEU D 132 -9.72 1.93 29.99
N LEU D 133 -8.45 2.17 29.69
CA LEU D 133 -8.03 3.50 29.28
C LEU D 133 -8.69 3.90 27.96
N SER D 134 -8.61 3.03 26.95
CA SER D 134 -9.11 3.39 25.62
C SER D 134 -10.62 3.48 25.58
N THR D 135 -11.31 2.73 26.44
CA THR D 135 -12.77 2.84 26.52
C THR D 135 -13.19 4.18 27.08
N LYS D 136 -12.57 4.60 28.18
CA LYS D 136 -12.87 5.91 28.76
C LYS D 136 -12.57 7.03 27.78
N GLU D 137 -11.43 6.95 27.08
CA GLU D 137 -11.03 7.99 26.15
C GLU D 137 -12.04 8.11 25.01
N ALA D 138 -12.54 6.98 24.50
CA ALA D 138 -13.52 7.03 23.43
C ALA D 138 -14.82 7.71 23.88
N GLN D 139 -15.20 7.49 25.14
CA GLN D 139 -16.36 8.19 25.69
C GLN D 139 -16.12 9.69 25.76
N VAL D 140 -14.92 10.10 26.18
CA VAL D 140 -14.57 11.53 26.19
C VAL D 140 -14.63 12.10 24.79
N TYR D 141 -14.13 11.35 23.80
CA TYR D 141 -14.12 11.82 22.43
C TYR D 141 -15.54 12.00 21.88
N ALA D 142 -16.45 11.09 22.23
CA ALA D 142 -17.83 11.22 21.76
C ALA D 142 -18.52 12.44 22.39
N VAL D 143 -18.17 12.78 23.63
CA VAL D 143 -18.71 13.99 24.25
C VAL D 143 -18.15 15.22 23.55
N LEU D 144 -16.85 15.21 23.23
CA LEU D 144 -16.23 16.36 22.59
C LEU D 144 -16.62 16.50 21.13
N ALA D 145 -17.10 15.44 20.50
CA ALA D 145 -17.58 15.54 19.13
C ALA D 145 -18.94 16.21 19.04
N GLU D 146 -19.72 16.17 20.11
CA GLU D 146 -21.06 16.75 20.13
C GLU D 146 -21.03 18.27 20.21
CHA HEM E . 4.95 11.52 -24.16
CHB HEM E . 4.30 12.58 -28.86
CHC HEM E . 6.84 16.63 -28.11
CHD HEM E . 8.64 14.67 -24.04
C1A HEM E . 4.50 11.48 -25.46
C2A HEM E . 3.56 10.52 -26.02
C3A HEM E . 3.39 10.81 -27.31
C4A HEM E . 4.20 11.96 -27.64
CMA HEM E . 2.48 10.04 -28.30
CAA HEM E . 2.89 9.38 -25.25
CBA HEM E . 1.58 9.90 -24.67
CGA HEM E . 0.79 8.76 -24.08
O1A HEM E . 0.89 8.54 -22.85
O2A HEM E . 0.07 8.07 -24.83
C1B HEM E . 4.88 13.81 -29.08
C2B HEM E . 4.81 14.61 -30.28
C3B HEM E . 5.53 15.72 -30.07
C4B HEM E . 6.06 15.67 -28.73
CMB HEM E . 4.05 14.17 -31.55
CAB HEM E . 5.77 16.94 -31.02
CBB HEM E . 4.98 17.23 -32.04
C1C HEM E . 7.58 16.45 -26.97
C2C HEM E . 8.54 17.38 -26.41
C3C HEM E . 9.05 16.85 -25.31
C4C HEM E . 8.43 15.57 -25.08
CMC HEM E . 8.90 18.75 -27.03
CAC HEM E . 10.12 17.56 -24.43
CBC HEM E . 10.99 16.86 -23.71
C1D HEM E . 7.73 13.71 -23.63
C2D HEM E . 7.61 13.09 -22.33
C3D HEM E . 6.58 12.21 -22.38
C4D HEM E . 6.02 12.26 -23.71
CMD HEM E . 8.53 13.38 -21.12
CAD HEM E . 6.06 11.28 -21.26
CBD HEM E . 5.28 12.09 -20.23
CGD HEM E . 4.38 11.19 -19.42
O1D HEM E . 3.97 10.11 -19.92
O2D HEM E . 4.05 11.58 -18.27
NA HEM E . 4.87 12.33 -26.48
NB HEM E . 5.64 14.48 -28.16
NC HEM E . 7.54 15.35 -26.11
ND HEM E . 6.74 13.18 -24.43
FE HEM E . 6.29 13.78 -26.33
C ACT F . 9.15 11.88 -27.27
O ACT F . 9.60 12.87 -27.92
OXT ACT F . 8.00 11.71 -26.78
CH3 ACT F . 10.17 10.69 -27.04
CU CU G . 12.31 -0.34 -28.12
CHA HEM H . -3.48 7.35 -10.98
CHB HEM H . -4.23 8.37 -6.31
CHC HEM H . -8.98 8.22 -7.36
CHD HEM H . -7.97 5.52 -11.25
C1A HEM H . -3.26 7.71 -9.67
C2A HEM H . -1.98 8.06 -9.09
C3A HEM H . -2.17 8.33 -7.80
C4A HEM H . -3.57 8.18 -7.51
CMA HEM H . -1.08 8.74 -6.77
CAA HEM H . -0.67 8.07 -9.89
CBA HEM H . -0.15 9.49 -10.09
CGA HEM H . 1.01 9.40 -11.04
O1A HEM H . 2.12 9.84 -10.68
O2A HEM H . 0.81 8.86 -12.17
C1B HEM H . -5.60 8.50 -6.18
C2B HEM H . -6.35 9.02 -5.04
C3B HEM H . -7.66 8.96 -5.33
C4B HEM H . -7.79 8.42 -6.67
CMB HEM H . -5.67 9.50 -3.74
CAB HEM H . -8.90 9.39 -4.51
CBB HEM H . -8.86 10.28 -3.50
C1C HEM H . -9.16 7.41 -8.46
C2C HEM H . -10.41 6.90 -8.99
C3C HEM H . -10.15 6.15 -10.04
C4C HEM H . -8.70 6.15 -10.27
CMC HEM H . -11.82 7.15 -8.42
CAC HEM H . -11.24 5.43 -10.87
CBC HEM H . -10.97 4.29 -11.49
C1D HEM H . -6.66 5.84 -11.58
C2D HEM H . -5.95 5.47 -12.80
C3D HEM H . -4.71 5.99 -12.72
C4D HEM H . -4.60 6.68 -11.46
CMD HEM H . -6.52 4.65 -13.96
CAD HEM H . -3.60 5.84 -13.78
CBD HEM H . -3.58 7.10 -14.64
CGD HEM H . -2.38 7.06 -15.56
O1D HEM H . -2.38 7.79 -16.59
O2D HEM H . -1.43 6.29 -15.25
NA HEM H . -4.21 7.80 -8.68
NB HEM H . -6.52 8.15 -7.15
NC HEM H . -8.15 6.93 -9.27
ND HEM H . -5.81 6.58 -10.80
FE HEM H . -6.17 7.21 -8.88
C ACT I . -5.95 4.14 -7.79
O ACT I . -5.94 2.89 -7.91
OXT ACT I . -6.93 4.91 -7.70
CH3 ACT I . -4.57 4.82 -7.74
CU CU J . 3.89 -4.41 -5.67
C ACT K . -16.86 13.32 -5.61
O ACT K . -16.05 14.06 -4.97
OXT ACT K . -17.76 12.55 -5.16
CH3 ACT K . -16.76 13.37 -7.17
CHA HEM L . -9.20 -26.11 2.83
CHB HEM L . -5.18 -24.83 5.25
CHC HEM L . -2.60 -26.41 1.47
CHD HEM L . -6.59 -25.89 -1.26
C1A HEM L . -8.36 -25.72 3.86
C2A HEM L . -8.72 -25.45 5.24
C3A HEM L . -7.62 -25.10 5.91
C4A HEM L . -6.50 -25.12 4.98
CMA HEM L . -7.55 -24.73 7.41
CAA HEM L . -10.14 -25.57 5.84
CBA HEM L . -10.25 -26.88 6.61
CGA HEM L . -11.53 -26.91 7.38
O1A HEM L . -11.52 -26.57 8.59
O2A HEM L . -12.57 -27.26 6.78
C1B HEM L . -4.11 -25.22 4.47
C2B HEM L . -2.71 -25.29 4.87
C3B HEM L . -1.98 -25.72 3.82
C4B HEM L . -2.92 -25.95 2.72
CMB HEM L . -2.22 -24.90 6.28
CAB HEM L . -0.46 -25.98 3.70
CBB HEM L . 0.36 -26.11 4.75
C1C HEM L . -3.44 -26.32 0.36
C2C HEM L . -3.05 -26.44 -1.02
C3C HEM L . -4.13 -26.29 -1.78
C4C HEM L . -5.27 -26.08 -0.90
CMC HEM L . -1.61 -26.70 -1.53
CAC HEM L . -4.09 -26.36 -3.32
CBC HEM L . -5.01 -25.71 -4.05
C1D HEM L . -7.67 -25.98 -0.39
C2D HEM L . -9.06 -26.13 -0.76
C3D HEM L . -9.79 -26.19 0.38
C4D HEM L . -8.88 -26.09 1.50
CMD HEM L . -9.57 -26.19 -2.21
CAD HEM L . -11.32 -26.35 0.51
CBD HEM L . -11.68 -27.78 0.13
CGD HEM L . -12.98 -28.22 0.73
O1D HEM L . -13.59 -27.44 1.51
O2D HEM L . -13.40 -29.37 0.43
NA HEM L . -7.00 -25.50 3.75
NB HEM L . -4.19 -25.64 3.16
NC HEM L . -4.80 -26.10 0.39
ND HEM L . -7.60 -25.96 0.98
FE HEM L . -5.90 -25.63 2.05
CU CU M . 0.40 -4.06 11.39
C ACT N . -5.94 -22.62 1.19
O ACT N . -5.02 -23.34 0.75
OXT ACT N . -6.87 -22.93 1.95
CH3 ACT N . -5.93 -21.13 0.71
CU CU O . -13.38 -12.11 4.40
CHA HEM P . 0.63 10.70 29.17
CHB HEM P . 0.63 6.19 31.00
CHC HEM P . -0.48 4.56 26.57
CHD HEM P . 0.99 8.80 24.70
C1A HEM P . 0.68 9.65 30.07
C2A HEM P . 0.86 9.72 31.51
C3A HEM P . 0.86 8.48 32.00
C4A HEM P . 0.68 7.56 30.91
CMA HEM P . 1.03 8.08 33.49
CAA HEM P . 1.01 11.01 32.34
CBA HEM P . -0.37 11.39 32.87
CGA HEM P . -0.28 12.68 33.64
O1A HEM P . -0.02 12.63 34.86
O2A HEM P . -0.47 13.75 33.02
C1B HEM P . 0.23 5.34 29.97
C2B HEM P . -0.19 3.96 30.10
C3B HEM P . -0.48 3.51 28.87
C4B HEM P . -0.28 4.60 27.94
CMB HEM P . -0.24 3.18 31.43
CAB HEM P . -0.99 2.12 28.41
CBB HEM P . -1.55 1.22 29.23
C1C HEM P . -0.15 5.55 25.66
C2C HEM P . -0.22 5.44 24.23
C3C HEM P . 0.20 6.58 23.69
C4C HEM P . 0.53 7.49 24.78
CMC HEM P . -0.68 4.18 23.45
CAC HEM P . 0.26 6.84 22.18
CBC HEM P . 1.25 7.60 21.68
C1D HEM P . 0.93 9.72 25.73
C2D HEM P . 1.04 11.16 25.62
C3D HEM P . 0.94 11.69 26.85
C4D HEM P . 0.77 10.60 27.80
CMD HEM P . 1.25 11.91 24.29
CAD HEM P . 1.01 13.19 27.24
CBD HEM P . -0.26 13.90 26.79
CGD HEM P . -0.37 15.27 27.42
O1D HEM P . 0.12 15.46 28.56
O2D HEM P . -0.96 16.17 26.78
NA HEM P . 0.59 8.31 29.75
NB HEM P . 0.16 5.70 28.64
NC HEM P . 0.32 6.81 25.96
ND HEM P . 0.76 9.42 27.07
FE HEM P . 0.64 7.49 27.85
CU CU Q . 19.11 -4.85 37.76
CU CU R . 14.73 11.09 33.18
C ACT S . 4.02 7.06 27.65
O ACT S . 3.55 7.89 28.46
OXT ACT S . 3.42 6.09 27.09
CH3 ACT S . 5.54 7.21 27.29
#